data_2HT1
#
_entry.id   2HT1
#
_cell.length_a   257.686
_cell.length_b   257.686
_cell.length_c   257.686
_cell.angle_alpha   90
_cell.angle_beta   90
_cell.angle_gamma   90
#
_symmetry.space_group_name_H-M   'I 4 3 2'
#
loop_
_entity.id
_entity.type
_entity.pdbx_description
1 polymer "5'-R(*UP*C)-3'"
2 polymer "5'-R(*UP*CP*UP*CP*U)-3'"
3 polymer 'Transcription termination factor rho'
4 non-polymer 'SULFATE ION'
#
loop_
_entity_poly.entity_id
_entity_poly.type
_entity_poly.pdbx_seq_one_letter_code
_entity_poly.pdbx_strand_id
1 'polyribonucleotide' UC J,K
2 'polyribonucleotide' UCUCU M
3 'polypeptide(L)'
;MGSSHHHHHHSSGENLYFQAGHMNLTELKNTPVSELITLGENMGLENLARMRKQDIIFAILKQHAKSGEDIFGDGVLEIL
QDGFGFLRSADSSYLAGPDDIYVSPSQIRRFNLRTGDTISGKIRPPKEGERYFALLKVNEVNFDKPENARNKILFENLTP
LHANSRLRMERGNGSTEDLTARVLDLASPIGRGQRGLIVAPPKAGKTMLLQNIAQSIAYNHPDCVLMVLLIDERPEEVTE
MQRLVKGEVVASTFDEPASRHVQVAEMVIEKAKRLVEHKKDVIILLDSITRLARAYNTVVPASGKVLTGGVDANALHRPK
RFFGAARNVEEGGSLTIIATALIDTGSKMDEVIYEEFKGTGNMELHLSRKIAEKRVFPAIDYNRSGTRKEELLTTQEELQ
KMWILRKIIHPMGEIDAMEFLINKLAMTKTNDD
;
A,B
#
# COMPACT_ATOMS: atom_id res chain seq x y z
N LYS D 53 5.68 22.30 2.93
CA LYS D 53 6.21 22.24 4.32
C LYS D 53 7.55 21.49 4.37
N GLN D 54 7.87 20.76 3.30
CA GLN D 54 9.10 19.96 3.22
C GLN D 54 10.31 20.76 2.72
N ASP D 55 10.08 21.69 1.80
CA ASP D 55 11.15 22.50 1.22
C ASP D 55 11.20 23.91 1.83
N ILE D 56 10.56 24.07 2.99
CA ILE D 56 10.59 25.32 3.75
C ILE D 56 11.26 25.09 5.12
N ILE D 57 11.08 23.89 5.67
CA ILE D 57 11.77 23.46 6.90
C ILE D 57 13.28 23.39 6.70
N PHE D 58 13.70 23.02 5.49
CA PHE D 58 15.11 23.08 5.09
C PHE D 58 15.64 24.51 5.15
N ALA D 59 14.81 25.47 4.72
CA ALA D 59 15.18 26.87 4.67
C ALA D 59 15.35 27.51 6.05
N ILE D 60 14.61 27.01 7.04
CA ILE D 60 14.69 27.51 8.41
C ILE D 60 16.00 27.09 9.10
N LEU D 61 16.36 25.81 8.96
CA LEU D 61 17.54 25.27 9.64
C LEU D 61 18.86 25.67 8.97
N LYS D 62 18.80 26.03 7.68
CA LYS D 62 19.96 26.54 6.97
C LYS D 62 20.20 28.01 7.30
N GLN D 63 19.12 28.71 7.66
CA GLN D 63 19.20 30.11 8.12
C GLN D 63 19.43 30.21 9.62
N HIS D 64 19.34 29.09 10.32
CA HIS D 64 19.63 29.02 11.76
C HIS D 64 21.08 28.55 11.97
N ALA D 65 21.97 28.98 11.07
CA ALA D 65 23.38 28.62 11.11
C ALA D 65 24.20 29.52 12.04
N LYS D 66 23.61 30.64 12.45
CA LYS D 66 24.25 31.59 13.36
C LYS D 66 24.29 31.05 14.79
N SER D 67 23.15 30.53 15.26
CA SER D 67 23.04 29.97 16.61
C SER D 67 23.35 28.48 16.62
N GLY D 68 24.53 28.13 17.14
CA GLY D 68 24.98 26.74 17.21
C GLY D 68 24.34 25.98 18.35
N GLU D 69 24.08 24.69 18.12
CA GLU D 69 23.45 23.79 19.09
C GLU D 69 22.07 24.29 19.53
N ASP D 70 21.05 24.02 18.71
CA ASP D 70 19.68 24.48 18.99
C ASP D 70 18.61 23.59 18.34
N ILE D 71 18.97 22.89 17.27
CA ILE D 71 18.01 22.10 16.49
C ILE D 71 17.67 20.75 17.14
N PHE D 72 16.39 20.58 17.47
CA PHE D 72 15.91 19.32 18.03
C PHE D 72 15.03 18.57 17.02
N GLY D 73 15.12 17.24 17.05
CA GLY D 73 14.33 16.37 16.18
C GLY D 73 14.51 14.90 16.50
N ASP D 74 13.72 14.40 17.45
CA ASP D 74 13.83 13.00 17.91
C ASP D 74 13.25 12.00 16.91
N GLY D 75 14.09 11.02 16.55
CA GLY D 75 13.69 9.94 15.64
C GLY D 75 14.28 8.60 16.01
N VAL D 76 13.45 7.56 15.99
CA VAL D 76 13.87 6.19 16.31
C VAL D 76 14.71 5.59 15.18
N LEU D 77 15.81 4.93 15.53
CA LEU D 77 16.80 4.47 14.54
C LEU D 77 16.36 3.31 13.66
N GLU D 78 16.91 3.30 12.43
CA GLU D 78 16.89 2.12 11.57
C GLU D 78 18.33 1.89 11.10
N ILE D 79 18.66 0.64 10.77
CA ILE D 79 19.97 0.31 10.19
C ILE D 79 19.80 -0.57 8.96
N LEU D 80 20.42 -0.15 7.86
CA LEU D 80 20.36 -0.87 6.59
C LEU D 80 21.46 -1.93 6.49
N GLN D 81 21.64 -2.49 5.29
CA GLN D 81 22.60 -3.58 5.05
C GLN D 81 24.06 -3.21 5.26
N ASP D 82 24.45 -2.04 4.74
CA ASP D 82 25.85 -1.59 4.73
C ASP D 82 26.46 -1.46 6.12
N GLY D 83 25.74 -0.78 7.02
CA GLY D 83 26.23 -0.48 8.36
C GLY D 83 25.87 0.95 8.73
N PHE D 84 24.72 1.40 8.23
CA PHE D 84 24.20 2.73 8.51
C PHE D 84 22.68 2.72 8.35
N GLY D 85 22.01 3.71 8.94
CA GLY D 85 20.57 3.87 8.80
C GLY D 85 20.12 5.32 8.91
N PHE D 86 18.86 5.51 9.31
CA PHE D 86 18.29 6.84 9.49
C PHE D 86 17.48 6.89 10.79
N LEU D 87 16.77 8.00 11.01
CA LEU D 87 15.88 8.13 12.17
C LEU D 87 14.43 8.35 11.74
N ARG D 88 13.49 7.79 12.50
CA ARG D 88 12.08 7.74 12.10
C ARG D 88 11.11 8.18 13.19
N SER D 89 9.94 8.67 12.76
CA SER D 89 8.89 9.11 13.68
C SER D 89 7.68 8.17 13.69
N ALA D 90 7.10 8.00 14.88
CA ALA D 90 6.06 6.99 15.12
C ALA D 90 4.68 7.32 14.53
N ASP D 91 4.38 8.60 14.40
CA ASP D 91 3.10 9.05 13.85
C ASP D 91 2.90 8.59 12.40
N SER D 92 4.00 8.46 11.67
CA SER D 92 3.98 8.08 10.25
C SER D 92 4.27 6.59 10.03
N SER D 93 4.28 5.82 11.12
CA SER D 93 4.58 4.38 11.09
C SER D 93 5.97 4.04 10.55
N TYR D 94 6.93 4.93 10.85
CA TYR D 94 8.34 4.75 10.47
C TYR D 94 8.54 4.62 8.96
N LEU D 95 8.08 5.62 8.22
CA LEU D 95 8.18 5.61 6.77
C LEU D 95 9.43 6.37 6.28
N ALA D 96 9.87 6.03 5.08
CA ALA D 96 11.03 6.64 4.45
C ALA D 96 10.62 7.85 3.61
N GLY D 97 10.82 9.03 4.18
CA GLY D 97 10.50 10.29 3.50
C GLY D 97 11.71 11.22 3.37
N PRO D 98 11.48 12.47 2.94
CA PRO D 98 12.54 13.44 2.76
C PRO D 98 13.18 13.90 4.08
N ASP D 99 12.36 14.40 5.00
CA ASP D 99 12.87 14.97 6.26
C ASP D 99 13.14 13.93 7.34
N ASP D 100 14.18 13.13 7.11
CA ASP D 100 14.66 12.16 8.09
C ASP D 100 16.13 12.41 8.45
N ILE D 101 16.46 12.15 9.71
CA ILE D 101 17.81 12.38 10.21
C ILE D 101 18.75 11.26 9.78
N TYR D 102 19.86 11.64 9.14
CA TYR D 102 20.87 10.68 8.68
C TYR D 102 21.82 10.27 9.80
N VAL D 103 22.03 8.97 9.92
CA VAL D 103 22.93 8.41 10.92
C VAL D 103 24.16 7.83 10.22
N SER D 104 25.33 8.26 10.66
CA SER D 104 26.59 7.79 10.10
C SER D 104 27.01 6.46 10.73
N PRO D 105 27.74 5.62 9.95
CA PRO D 105 28.41 4.44 10.51
C PRO D 105 29.42 4.82 11.59
N SER D 106 29.72 6.13 11.66
CA SER D 106 30.61 6.72 12.64
C SER D 106 30.09 6.58 14.07
N GLN D 107 28.89 7.09 14.31
CA GLN D 107 28.30 7.17 15.65
C GLN D 107 27.78 5.84 16.18
N ILE D 108 27.62 4.87 15.28
CA ILE D 108 27.05 3.57 15.62
C ILE D 108 27.94 2.75 16.57
N ARG D 109 29.26 2.86 16.39
CA ARG D 109 30.21 2.10 17.22
C ARG D 109 30.37 2.65 18.65
N ARG D 110 30.44 3.98 18.78
CA ARG D 110 30.69 4.63 20.06
C ARG D 110 29.54 4.46 21.06
N PHE D 111 28.32 4.75 20.61
CA PHE D 111 27.15 4.73 21.48
C PHE D 111 26.43 3.38 21.47
N ASN D 112 27.03 2.40 20.77
CA ASN D 112 26.47 1.05 20.59
C ASN D 112 25.00 1.07 20.16
N LEU D 113 24.74 1.77 19.05
CA LEU D 113 23.40 1.93 18.52
C LEU D 113 22.97 0.70 17.73
N ARG D 114 21.70 0.33 17.86
CA ARG D 114 21.15 -0.80 17.14
C ARG D 114 19.73 -0.50 16.65
N THR D 115 19.30 -1.23 15.62
CA THR D 115 18.00 -1.03 14.97
C THR D 115 16.89 -0.86 16.00
N GLY D 116 16.15 0.23 15.89
CA GLY D 116 14.99 0.48 16.76
C GLY D 116 15.28 1.16 18.08
N ASP D 117 16.40 1.88 18.14
CA ASP D 117 16.77 2.68 19.31
C ASP D 117 16.03 4.02 19.30
N THR D 118 15.43 4.36 20.43
CA THR D 118 14.66 5.60 20.59
C THR D 118 15.59 6.82 20.75
N ILE D 119 16.17 7.26 19.63
CA ILE D 119 17.25 8.27 19.64
C ILE D 119 16.78 9.72 19.50
N SER D 120 17.12 10.53 20.50
CA SER D 120 16.95 11.98 20.46
C SER D 120 18.33 12.63 20.40
N GLY D 121 18.51 13.62 19.52
CA GLY D 121 19.81 14.27 19.35
C GLY D 121 19.82 15.52 18.49
N LYS D 122 20.94 16.23 18.51
CA LYS D 122 21.13 17.46 17.74
C LYS D 122 21.39 17.16 16.27
N ILE D 123 20.93 18.05 15.39
CA ILE D 123 21.11 17.87 13.93
C ILE D 123 21.62 19.13 13.22
N ARG D 124 22.44 18.92 12.19
CA ARG D 124 22.94 20.01 11.34
C ARG D 124 22.35 19.94 9.92
N PRO D 125 21.99 21.11 9.33
CA PRO D 125 21.37 21.15 8.02
C PRO D 125 22.26 20.52 6.96
N PRO D 126 21.66 19.91 5.92
CA PRO D 126 22.42 19.13 4.95
C PRO D 126 23.47 19.95 4.18
N LYS D 127 24.74 19.58 4.36
CA LYS D 127 25.80 20.04 3.48
C LYS D 127 25.62 19.35 2.14
N GLU D 128 26.13 19.96 1.08
CA GLU D 128 26.00 19.41 -0.27
C GLU D 128 26.63 18.02 -0.40
N GLY D 129 26.25 17.30 -1.45
CA GLY D 129 26.69 15.92 -1.64
C GLY D 129 25.82 14.92 -0.90
N GLU D 130 25.03 15.42 0.03
CA GLU D 130 24.10 14.62 0.82
C GLU D 130 22.69 14.68 0.24
N ARG D 131 21.71 14.34 1.07
CA ARG D 131 20.30 14.47 0.73
C ARG D 131 19.48 14.73 2.00
N TYR D 132 20.02 14.32 3.14
CA TYR D 132 19.35 14.43 4.43
C TYR D 132 20.14 15.29 5.43
N PHE D 133 19.46 15.71 6.49
CA PHE D 133 20.10 16.32 7.66
C PHE D 133 21.03 15.30 8.30
N ALA D 134 22.12 15.77 8.89
CA ALA D 134 23.10 14.88 9.50
C ALA D 134 23.02 14.88 11.03
N LEU D 135 23.25 13.71 11.64
CA LEU D 135 23.35 13.60 13.10
C LEU D 135 24.69 14.18 13.59
N LEU D 136 24.58 15.17 14.47
CA LEU D 136 25.72 15.96 14.95
C LEU D 136 26.21 15.45 16.31
N LYS D 137 25.27 15.24 17.23
CA LYS D 137 25.56 14.78 18.59
C LYS D 137 24.39 13.93 19.12
N VAL D 138 24.49 13.49 20.37
CA VAL D 138 23.45 12.63 20.97
C VAL D 138 23.10 13.10 22.38
N ASN D 139 21.80 13.29 22.62
CA ASN D 139 21.28 13.76 23.91
C ASN D 139 20.97 12.61 24.88
N GLU D 140 19.85 11.95 24.63
CA GLU D 140 19.34 10.90 25.51
C GLU D 140 18.79 9.74 24.69
N VAL D 141 18.35 8.69 25.36
CA VAL D 141 17.59 7.61 24.73
C VAL D 141 16.18 7.66 25.31
N ASN D 142 16.10 7.62 26.64
CA ASN D 142 14.85 7.84 27.37
C ASN D 142 15.06 8.31 28.81
N PHE D 143 16.10 7.80 29.47
CA PHE D 143 16.38 8.15 30.86
C PHE D 143 17.79 8.75 31.09
N ASP D 144 18.80 7.90 31.19
CA ASP D 144 20.19 8.33 31.48
C ASP D 144 20.98 8.76 30.23
N LYS D 145 22.30 8.81 30.37
CA LYS D 145 23.21 9.25 29.29
C LYS D 145 23.31 8.24 28.13
N PRO D 146 23.76 8.71 26.95
CA PRO D 146 23.94 7.81 25.80
C PRO D 146 25.08 6.79 25.95
N GLU D 147 26.08 7.15 26.76
CA GLU D 147 27.23 6.26 27.02
C GLU D 147 26.88 5.09 27.96
N ASN D 148 25.67 5.14 28.51
CA ASN D 148 25.12 4.05 29.32
C ASN D 148 24.69 2.87 28.45
N ALA D 149 24.51 3.12 27.15
CA ALA D 149 24.18 2.07 26.18
C ALA D 149 25.32 1.07 25.98
N ARG D 150 26.49 1.39 26.54
CA ARG D 150 27.62 0.46 26.58
C ARG D 150 27.45 -0.55 27.73
N ASN D 151 27.06 -0.05 28.91
CA ASN D 151 26.87 -0.90 30.09
C ASN D 151 25.40 -1.23 30.40
N LYS D 152 24.69 -1.71 29.38
CA LYS D 152 23.31 -2.19 29.52
C LYS D 152 23.20 -3.60 28.94
N ILE D 153 22.50 -4.47 29.67
CA ILE D 153 22.36 -5.87 29.27
C ILE D 153 21.56 -6.00 27.97
N LEU D 154 22.07 -6.84 27.07
CA LEU D 154 21.39 -7.12 25.80
C LEU D 154 20.18 -8.00 26.05
N PHE D 155 19.09 -7.72 25.34
CA PHE D 155 17.84 -8.49 25.43
C PHE D 155 18.08 -10.01 25.38
N GLU D 156 18.86 -10.46 24.40
CA GLU D 156 19.14 -11.88 24.20
C GLU D 156 19.90 -12.51 25.37
N ASN D 157 20.48 -11.65 26.22
CA ASN D 157 21.25 -12.09 27.38
C ASN D 157 20.48 -12.00 28.69
N LEU D 158 19.26 -11.47 28.62
CA LEU D 158 18.37 -11.41 29.79
C LEU D 158 17.88 -12.80 30.18
N THR D 159 17.98 -13.13 31.45
CA THR D 159 17.53 -14.43 31.96
C THR D 159 16.01 -14.47 32.12
N PRO D 160 15.35 -15.36 31.36
CA PRO D 160 13.90 -15.45 31.42
C PRO D 160 13.39 -16.45 32.45
N LEU D 161 12.40 -16.06 33.26
CA LEU D 161 11.70 -16.98 34.14
C LEU D 161 10.61 -17.70 33.35
N HIS D 162 10.48 -19.01 33.55
CA HIS D 162 9.60 -19.83 32.71
C HIS D 162 8.36 -20.35 33.44
N ALA D 163 7.21 -20.22 32.78
CA ALA D 163 5.92 -20.57 33.35
C ALA D 163 5.51 -22.03 33.08
N ASN D 164 4.27 -22.36 33.44
CA ASN D 164 3.72 -23.71 33.30
C ASN D 164 3.39 -24.08 31.86
N SER D 165 3.77 -25.30 31.46
CA SER D 165 3.53 -25.78 30.10
C SER D 165 2.18 -26.48 29.98
N ARG D 166 1.18 -25.76 29.51
CA ARG D 166 -0.15 -26.30 29.24
C ARG D 166 -0.74 -25.63 28.01
N LEU D 167 -1.23 -26.44 27.07
CA LEU D 167 -1.78 -25.93 25.80
C LEU D 167 -2.76 -24.78 25.97
N ARG D 168 -3.67 -24.93 26.95
CA ARG D 168 -4.68 -23.92 27.29
C ARG D 168 -5.51 -23.48 26.10
N MET D 169 -6.13 -24.44 25.42
CA MET D 169 -7.03 -24.14 24.31
C MET D 169 -8.40 -23.72 24.84
N GLU D 170 -8.91 -22.60 24.33
CA GLU D 170 -10.19 -22.05 24.78
C GLU D 170 -11.24 -22.11 23.67
N ARG D 171 -12.49 -22.33 24.06
CA ARG D 171 -13.62 -22.44 23.11
C ARG D 171 -14.19 -21.08 22.74
N GLY D 172 -14.86 -21.01 21.59
CA GLY D 172 -15.56 -19.80 21.16
C GLY D 172 -16.89 -19.65 21.85
N ASN D 173 -16.87 -19.07 23.05
CA ASN D 173 -18.05 -18.98 23.93
C ASN D 173 -19.02 -17.84 23.60
N GLY D 174 -18.62 -16.97 22.67
CA GLY D 174 -19.44 -15.81 22.29
C GLY D 174 -18.66 -14.52 22.43
N SER D 175 -18.63 -13.73 21.36
CA SER D 175 -17.85 -12.49 21.32
C SER D 175 -18.40 -11.40 22.24
N THR D 176 -17.97 -11.45 23.50
CA THR D 176 -18.37 -10.50 24.52
C THR D 176 -17.23 -10.34 25.55
N GLU D 177 -17.56 -10.13 26.81
CA GLU D 177 -16.58 -10.06 27.89
C GLU D 177 -15.90 -11.42 28.10
N ASP D 178 -16.70 -12.48 28.12
CA ASP D 178 -16.25 -13.85 28.36
C ASP D 178 -15.08 -14.28 27.47
N LEU D 179 -14.93 -13.60 26.33
CA LEU D 179 -13.87 -13.90 25.38
C LEU D 179 -12.64 -13.02 25.61
N THR D 180 -12.87 -11.72 25.83
CA THR D 180 -11.78 -10.75 25.98
C THR D 180 -11.12 -10.77 27.36
N ALA D 181 -11.80 -11.36 28.34
CA ALA D 181 -11.28 -11.46 29.70
C ALA D 181 -10.20 -12.54 29.84
N ARG D 182 -10.30 -13.58 29.00
CA ARG D 182 -9.36 -14.69 29.02
C ARG D 182 -8.06 -14.37 28.29
N VAL D 183 -8.09 -13.30 27.50
CA VAL D 183 -6.88 -12.76 26.86
C VAL D 183 -6.25 -11.74 27.81
N LEU D 184 -7.09 -11.06 28.59
CA LEU D 184 -6.65 -10.21 29.69
C LEU D 184 -5.97 -11.02 30.79
N ASP D 185 -6.18 -12.34 30.77
CA ASP D 185 -5.53 -13.26 31.66
C ASP D 185 -4.03 -13.36 31.35
N LEU D 186 -3.67 -12.96 30.14
CA LEU D 186 -2.26 -12.87 29.73
C LEU D 186 -1.70 -11.48 30.01
N ALA D 187 -2.58 -10.56 30.39
CA ALA D 187 -2.20 -9.19 30.74
C ALA D 187 -2.16 -8.98 32.25
N SER D 188 -2.88 -9.82 32.98
CA SER D 188 -2.88 -9.80 34.44
C SER D 188 -1.50 -10.11 34.99
N PRO D 189 -1.07 -9.44 36.07
CA PRO D 189 0.23 -9.63 36.73
C PRO D 189 0.80 -11.05 36.67
N ILE D 190 -0.05 -12.05 36.90
CA ILE D 190 0.36 -13.45 37.02
C ILE D 190 0.97 -14.04 35.74
N GLY D 191 0.27 -13.88 34.61
CA GLY D 191 0.68 -14.52 33.36
C GLY D 191 1.25 -13.62 32.28
N ARG D 192 2.20 -12.77 32.65
CA ARG D 192 2.87 -11.89 31.70
C ARG D 192 4.06 -12.58 31.03
N GLY D 193 4.39 -12.14 29.82
CA GLY D 193 5.52 -12.70 29.06
C GLY D 193 5.20 -14.00 28.35
N GLN D 194 4.03 -14.05 27.70
CA GLN D 194 3.54 -15.27 27.07
C GLN D 194 3.19 -15.07 25.59
N ARG D 195 3.01 -16.17 24.87
CA ARG D 195 2.70 -16.12 23.45
C ARG D 195 1.25 -16.49 23.21
N GLY D 196 0.39 -15.48 23.03
CA GLY D 196 -1.02 -15.70 22.73
C GLY D 196 -1.27 -15.84 21.23
N LEU D 197 -2.06 -16.84 20.86
CA LEU D 197 -2.42 -17.03 19.46
C LEU D 197 -3.93 -17.14 19.24
N ILE D 198 -4.45 -16.25 18.38
CA ILE D 198 -5.88 -16.25 18.08
C ILE D 198 -6.12 -16.77 16.67
N VAL D 199 -6.64 -17.99 16.60
CA VAL D 199 -7.09 -18.59 15.36
C VAL D 199 -8.39 -17.89 14.96
N ALA D 200 -8.51 -17.53 13.69
CA ALA D 200 -9.70 -16.79 13.22
C ALA D 200 -10.06 -17.04 11.76
N PRO D 201 -11.28 -17.50 11.51
CA PRO D 201 -11.81 -17.68 10.15
C PRO D 201 -12.25 -16.32 9.59
N PRO D 202 -12.65 -16.28 8.30
CA PRO D 202 -13.19 -15.04 7.76
C PRO D 202 -14.51 -14.68 8.40
N LYS D 203 -14.67 -13.41 8.77
CA LYS D 203 -15.88 -12.87 9.40
C LYS D 203 -16.27 -13.58 10.70
N ALA D 204 -15.40 -13.48 11.70
CA ALA D 204 -15.69 -13.99 13.03
C ALA D 204 -15.55 -12.87 14.06
N GLY D 205 -15.69 -11.63 13.58
CA GLY D 205 -15.59 -10.43 14.42
C GLY D 205 -14.28 -10.33 15.19
N LYS D 206 -13.17 -10.62 14.49
CA LYS D 206 -11.86 -10.60 15.13
C LYS D 206 -11.43 -9.17 15.50
N THR D 207 -11.60 -8.23 14.57
CA THR D 207 -11.26 -6.82 14.80
C THR D 207 -12.09 -6.27 15.94
N MET D 208 -13.37 -6.62 15.95
CA MET D 208 -14.28 -6.25 17.04
C MET D 208 -13.67 -6.70 18.36
N LEU D 209 -13.20 -7.94 18.39
CA LEU D 209 -12.53 -8.49 19.55
C LEU D 209 -11.17 -7.81 19.76
N LEU D 210 -10.43 -7.63 18.67
CA LEU D 210 -9.05 -7.12 18.74
C LEU D 210 -8.99 -5.69 19.27
N GLN D 211 -9.95 -4.87 18.86
CA GLN D 211 -10.14 -3.55 19.43
C GLN D 211 -10.39 -3.70 20.91
N ASN D 212 -11.44 -4.48 21.23
CA ASN D 212 -11.85 -4.69 22.62
C ASN D 212 -10.72 -5.19 23.53
N ILE D 213 -9.80 -5.98 22.98
CA ILE D 213 -8.63 -6.42 23.73
C ILE D 213 -7.74 -5.21 23.97
N ALA D 214 -7.40 -4.51 22.89
CA ALA D 214 -6.52 -3.34 22.96
C ALA D 214 -7.05 -2.28 23.93
N GLN D 215 -8.35 -2.03 23.87
CA GLN D 215 -9.00 -1.05 24.73
C GLN D 215 -8.93 -1.46 26.21
N SER D 216 -9.18 -2.74 26.49
CA SER D 216 -9.10 -3.27 27.84
C SER D 216 -7.72 -3.02 28.44
N ILE D 217 -6.69 -3.47 27.75
CA ILE D 217 -5.29 -3.28 28.17
C ILE D 217 -5.01 -1.82 28.50
N ALA D 218 -5.41 -0.93 27.61
CA ALA D 218 -5.11 0.50 27.71
C ALA D 218 -5.83 1.20 28.86
N TYR D 219 -7.03 0.73 29.19
CA TYR D 219 -7.83 1.35 30.25
C TYR D 219 -7.69 0.60 31.57
N ASN D 220 -6.80 -0.39 31.62
CA ASN D 220 -6.57 -1.17 32.83
C ASN D 220 -5.16 -1.02 33.40
N HIS D 221 -4.15 -1.07 32.54
CA HIS D 221 -2.76 -1.03 32.98
C HIS D 221 -1.97 0.12 32.36
N PRO D 222 -1.94 1.29 33.03
CA PRO D 222 -1.19 2.46 32.56
C PRO D 222 0.33 2.23 32.56
N ASP D 223 0.79 1.38 33.47
CA ASP D 223 2.20 0.97 33.56
C ASP D 223 2.64 0.16 32.35
N CYS D 224 1.68 -0.51 31.70
CA CYS D 224 1.95 -1.34 30.52
C CYS D 224 2.02 -0.55 29.22
N VAL D 225 2.88 -1.01 28.32
CA VAL D 225 3.05 -0.39 27.01
C VAL D 225 2.36 -1.22 25.94
N LEU D 226 1.23 -0.72 25.46
CA LEU D 226 0.53 -1.36 24.35
C LEU D 226 1.12 -0.88 23.04
N MET D 227 1.15 -1.79 22.08
CA MET D 227 1.80 -1.56 20.81
C MET D 227 1.09 -2.40 19.78
N VAL D 228 -0.05 -1.89 19.32
CA VAL D 228 -0.88 -2.61 18.35
C VAL D 228 -0.22 -2.54 16.98
N LEU D 229 0.01 -3.71 16.39
CA LEU D 229 0.66 -3.79 15.09
C LEU D 229 -0.23 -4.48 14.06
N LEU D 230 -0.48 -3.77 12.97
CA LEU D 230 -1.29 -4.30 11.86
C LEU D 230 -0.47 -4.39 10.58
N ILE D 231 -0.57 -5.54 9.91
CA ILE D 231 0.18 -5.80 8.71
C ILE D 231 -0.74 -6.14 7.56
N ASP D 232 -0.50 -5.51 6.40
CA ASP D 232 -1.22 -5.77 5.15
C ASP D 232 -2.74 -5.77 5.39
N GLU D 233 -3.24 -4.62 5.86
CA GLU D 233 -4.65 -4.46 6.22
C GLU D 233 -5.25 -3.29 5.43
N ARG D 234 -6.57 -3.20 5.41
CA ARG D 234 -7.29 -2.09 4.78
C ARG D 234 -6.99 -0.77 5.48
N PRO D 235 -6.89 0.33 4.71
CA PRO D 235 -6.63 1.69 5.23
C PRO D 235 -7.65 2.19 6.26
N GLU D 236 -8.90 1.79 6.14
CA GLU D 236 -9.96 2.21 7.07
C GLU D 236 -9.89 1.49 8.41
N GLU D 237 -9.58 0.19 8.39
CA GLU D 237 -9.46 -0.61 9.61
C GLU D 237 -8.34 -0.11 10.52
N VAL D 238 -7.39 0.62 9.93
CA VAL D 238 -6.25 1.17 10.64
C VAL D 238 -6.61 2.49 11.32
N THR D 239 -7.23 3.39 10.56
CA THR D 239 -7.66 4.69 11.08
C THR D 239 -8.55 4.48 12.30
N GLU D 240 -9.52 3.57 12.16
CA GLU D 240 -10.42 3.21 13.26
C GLU D 240 -9.61 2.83 14.49
N MET D 241 -8.68 1.90 14.31
CA MET D 241 -7.83 1.42 15.40
C MET D 241 -6.98 2.53 16.02
N GLN D 242 -6.41 3.40 15.18
CA GLN D 242 -5.55 4.51 15.63
C GLN D 242 -6.26 5.47 16.59
N ARG D 243 -7.55 5.68 16.37
CA ARG D 243 -8.36 6.56 17.21
C ARG D 243 -9.03 5.80 18.34
N LEU D 244 -9.19 4.49 18.15
CA LEU D 244 -9.87 3.66 19.13
C LEU D 244 -9.03 3.46 20.40
N VAL D 245 -7.71 3.51 20.24
CA VAL D 245 -6.79 3.33 21.37
C VAL D 245 -5.78 4.49 21.46
N LYS D 246 -5.63 5.03 22.67
CA LYS D 246 -4.73 6.15 22.95
C LYS D 246 -3.25 5.72 23.02
N GLY D 247 -3.03 4.41 23.02
CA GLY D 247 -1.67 3.84 23.03
C GLY D 247 -0.93 4.03 21.70
N GLU D 248 -0.09 3.05 21.36
CA GLU D 248 0.73 3.14 20.16
C GLU D 248 0.26 2.18 19.07
N VAL D 249 -0.07 2.75 17.91
CA VAL D 249 -0.49 1.94 16.77
C VAL D 249 0.43 2.16 15.58
N VAL D 250 0.99 1.06 15.08
CA VAL D 250 1.80 1.07 13.89
C VAL D 250 1.23 0.05 12.92
N ALA D 251 1.09 0.44 11.65
CA ALA D 251 0.43 -0.40 10.66
C ALA D 251 0.95 -0.18 9.25
N SER D 252 0.89 -1.25 8.45
CA SER D 252 1.13 -1.15 7.03
C SER D 252 -0.14 -1.55 6.28
N THR D 253 -0.52 -0.72 5.32
CA THR D 253 -1.70 -0.91 4.49
C THR D 253 -1.49 -2.03 3.47
N PHE D 254 -2.57 -2.52 2.87
CA PHE D 254 -2.50 -3.61 1.90
C PHE D 254 -1.85 -3.20 0.58
N ASP D 255 -2.08 -1.94 0.18
CA ASP D 255 -1.51 -1.39 -1.05
C ASP D 255 -0.01 -1.07 -0.94
N GLU D 256 0.66 -1.76 -0.02
CA GLU D 256 2.08 -1.58 0.22
C GLU D 256 2.84 -2.87 -0.09
N PRO D 257 4.15 -2.77 -0.40
CA PRO D 257 4.93 -3.95 -0.76
C PRO D 257 5.32 -4.79 0.45
N ALA D 258 5.76 -6.02 0.18
CA ALA D 258 6.22 -6.93 1.23
C ALA D 258 7.31 -6.28 2.07
N SER D 259 8.30 -5.68 1.40
CA SER D 259 9.40 -4.96 2.05
C SER D 259 8.92 -4.20 3.27
N ARG D 260 7.86 -3.41 3.08
CA ARG D 260 7.29 -2.53 4.10
C ARG D 260 6.73 -3.27 5.30
N HIS D 261 5.95 -4.32 5.07
CA HIS D 261 5.34 -5.09 6.15
C HIS D 261 6.42 -5.62 7.07
N VAL D 262 7.43 -6.25 6.47
CA VAL D 262 8.54 -6.78 7.22
C VAL D 262 9.16 -5.65 8.02
N GLN D 263 9.61 -4.61 7.31
CA GLN D 263 10.25 -3.43 7.92
C GLN D 263 9.49 -2.89 9.14
N VAL D 264 8.17 -2.76 9.00
CA VAL D 264 7.34 -2.22 10.07
C VAL D 264 7.36 -3.13 11.29
N ALA D 265 7.18 -4.43 11.05
CA ALA D 265 7.23 -5.45 12.11
C ALA D 265 8.61 -5.52 12.79
N GLU D 266 9.67 -5.49 11.98
CA GLU D 266 11.04 -5.40 12.48
C GLU D 266 11.15 -4.26 13.48
N MET D 267 10.83 -3.05 13.01
CA MET D 267 10.87 -1.82 13.81
C MET D 267 10.11 -1.91 15.13
N VAL D 268 9.05 -2.70 15.16
CA VAL D 268 8.27 -2.91 16.38
C VAL D 268 9.02 -3.82 17.34
N ILE D 269 9.22 -5.07 16.91
CA ILE D 269 9.80 -6.09 17.76
C ILE D 269 11.14 -5.64 18.32
N GLU D 270 11.84 -4.78 17.57
CA GLU D 270 13.11 -4.22 18.04
C GLU D 270 12.83 -3.23 19.16
N LYS D 271 12.00 -2.24 18.88
CA LYS D 271 11.61 -1.26 19.90
C LYS D 271 11.12 -1.97 21.16
N ALA D 272 10.22 -2.94 20.98
CA ALA D 272 9.65 -3.70 22.09
C ALA D 272 10.74 -4.30 22.99
N LYS D 273 11.77 -4.87 22.38
CA LYS D 273 12.88 -5.48 23.12
C LYS D 273 13.62 -4.45 23.97
N ARG D 274 13.88 -3.28 23.38
CA ARG D 274 14.56 -2.19 24.07
C ARG D 274 13.76 -1.73 25.30
N LEU D 275 12.44 -1.67 25.15
CA LEU D 275 11.55 -1.29 26.23
C LEU D 275 11.59 -2.29 27.38
N VAL D 276 11.79 -3.57 27.05
CA VAL D 276 11.98 -4.59 28.06
C VAL D 276 13.33 -4.40 28.77
N GLU D 277 14.35 -4.06 27.99
CA GLU D 277 15.70 -3.80 28.51
C GLU D 277 15.72 -2.74 29.61
N HIS D 278 14.65 -1.96 29.70
CA HIS D 278 14.54 -0.96 30.75
C HIS D 278 13.48 -1.34 31.79
N LYS D 279 13.35 -2.66 31.98
CA LYS D 279 12.48 -3.28 33.00
C LYS D 279 11.00 -2.87 32.89
N LYS D 280 10.55 -2.67 31.65
CA LYS D 280 9.16 -2.31 31.37
C LYS D 280 8.36 -3.47 30.79
N ASP D 281 7.07 -3.50 31.10
CA ASP D 281 6.17 -4.53 30.61
C ASP D 281 5.53 -4.11 29.29
N VAL D 282 5.73 -4.94 28.26
CA VAL D 282 5.34 -4.60 26.89
C VAL D 282 4.44 -5.68 26.31
N ILE D 283 3.40 -5.25 25.57
CA ILE D 283 2.49 -6.17 24.91
C ILE D 283 2.37 -5.84 23.41
N ILE D 284 2.69 -6.83 22.58
CA ILE D 284 2.45 -6.75 21.14
C ILE D 284 1.10 -7.38 20.81
N LEU D 285 0.20 -6.58 20.25
CA LEU D 285 -1.03 -7.10 19.66
C LEU D 285 -0.86 -7.03 18.14
N LEU D 286 -0.61 -8.17 17.53
CA LEU D 286 -0.34 -8.23 16.09
C LEU D 286 -1.51 -8.85 15.31
N ASP D 287 -1.92 -8.15 14.25
CA ASP D 287 -2.95 -8.67 13.36
C ASP D 287 -2.35 -9.37 12.17
N SER D 288 -2.61 -10.68 12.11
CA SER D 288 -2.16 -11.57 11.05
C SER D 288 -0.67 -11.81 11.08
N ILE D 289 -0.27 -12.90 11.74
CA ILE D 289 1.06 -13.45 11.58
C ILE D 289 1.14 -14.03 10.17
N THR D 290 0.03 -14.64 9.75
CA THR D 290 -0.15 -15.13 8.39
C THR D 290 0.29 -14.09 7.36
N ARG D 291 -0.27 -12.88 7.42
CA ARG D 291 0.15 -11.79 6.52
C ARG D 291 1.64 -11.49 6.64
N LEU D 292 2.12 -11.30 7.87
CA LEU D 292 3.54 -11.04 8.12
C LEU D 292 4.39 -12.16 7.53
N ALA D 293 4.07 -13.40 7.88
CA ALA D 293 4.77 -14.55 7.37
C ALA D 293 4.72 -14.58 5.84
N ARG D 294 3.53 -14.36 5.28
CA ARG D 294 3.38 -14.36 3.83
C ARG D 294 4.31 -13.32 3.20
N ALA D 295 4.39 -12.15 3.84
CA ALA D 295 5.28 -11.07 3.39
C ALA D 295 6.73 -11.55 3.39
N TYR D 296 7.28 -11.81 4.59
CA TYR D 296 8.62 -12.35 4.75
C TYR D 296 8.99 -13.32 3.62
N ASN D 297 8.07 -14.24 3.33
CA ASN D 297 8.25 -15.28 2.33
C ASN D 297 8.64 -14.75 0.96
N THR D 298 8.05 -13.63 0.57
CA THR D 298 8.40 -13.00 -0.71
C THR D 298 9.62 -12.09 -0.58
N VAL D 299 9.94 -11.67 0.65
CA VAL D 299 11.10 -10.82 0.89
C VAL D 299 12.39 -11.65 0.98
N VAL D 300 12.35 -12.70 1.81
CA VAL D 300 13.51 -13.59 2.04
C VAL D 300 14.15 -14.07 0.72
N PRO D 301 15.49 -13.98 0.63
CA PRO D 301 16.25 -14.39 -0.57
C PRO D 301 15.84 -15.76 -1.09
N ALA D 302 15.44 -15.80 -2.37
CA ALA D 302 14.94 -17.02 -3.01
C ALA D 302 16.03 -18.08 -3.10
N SER D 303 16.08 -18.94 -2.09
CA SER D 303 17.07 -20.02 -2.03
C SER D 303 16.45 -21.31 -1.49
N GLY D 304 17.24 -22.38 -1.51
CA GLY D 304 16.78 -23.68 -1.04
C GLY D 304 15.96 -24.40 -2.09
N LYS D 305 14.98 -23.68 -2.66
CA LYS D 305 14.08 -24.21 -3.70
C LYS D 305 13.04 -25.18 -3.14
N VAL D 306 13.17 -25.50 -1.85
CA VAL D 306 12.25 -26.43 -1.18
C VAL D 306 10.94 -25.70 -0.83
N LEU D 307 9.96 -25.86 -1.71
CA LEU D 307 8.65 -25.24 -1.53
C LEU D 307 7.64 -26.29 -1.06
N THR D 308 7.27 -26.23 0.20
CA THR D 308 6.33 -27.18 0.79
C THR D 308 4.90 -26.63 0.79
N GLY D 309 4.21 -26.77 -0.33
CA GLY D 309 2.85 -26.26 -0.50
C GLY D 309 2.79 -24.88 -1.14
N GLY D 310 3.80 -24.06 -0.86
CA GLY D 310 3.90 -22.71 -1.43
C GLY D 310 4.99 -21.83 -0.81
N VAL D 311 5.47 -22.24 0.36
CA VAL D 311 6.44 -21.44 1.14
C VAL D 311 7.80 -22.13 1.25
N ASP D 312 8.86 -21.39 0.90
CA ASP D 312 10.23 -21.90 1.05
C ASP D 312 10.60 -22.06 2.52
N ALA D 313 11.27 -23.17 2.83
CA ALA D 313 11.51 -23.59 4.22
C ALA D 313 12.30 -22.60 5.09
N ASN D 314 13.06 -21.73 4.43
CA ASN D 314 13.90 -20.75 5.11
C ASN D 314 13.14 -19.52 5.60
N ALA D 315 11.89 -19.39 5.18
CA ALA D 315 11.08 -18.21 5.47
C ALA D 315 10.48 -18.20 6.85
N LEU D 316 9.86 -19.32 7.25
CA LEU D 316 9.09 -19.42 8.48
C LEU D 316 9.88 -19.10 9.75
N HIS D 317 11.21 -19.05 9.64
CA HIS D 317 12.04 -18.75 10.80
C HIS D 317 11.87 -17.34 11.36
N ARG D 318 11.78 -16.37 10.46
CA ARG D 318 11.66 -14.94 10.84
C ARG D 318 10.36 -14.57 11.59
N PRO D 319 9.20 -15.12 11.17
CA PRO D 319 7.99 -14.91 11.97
C PRO D 319 8.00 -15.72 13.28
N LYS D 320 8.52 -16.95 13.21
CA LYS D 320 8.67 -17.77 14.40
C LYS D 320 9.54 -17.07 15.43
N ARG D 321 10.66 -16.49 14.97
CA ARG D 321 11.55 -15.73 15.85
C ARG D 321 10.83 -14.51 16.40
N PHE D 322 10.09 -13.81 15.54
CA PHE D 322 9.28 -12.68 15.95
C PHE D 322 8.34 -13.07 17.07
N PHE D 323 7.76 -14.27 16.97
CA PHE D 323 6.76 -14.72 17.92
C PHE D 323 7.39 -15.20 19.22
N GLY D 324 8.44 -16.00 19.10
CA GLY D 324 9.13 -16.58 20.25
C GLY D 324 9.89 -15.56 21.08
N ALA D 325 9.94 -14.32 20.60
CA ALA D 325 10.61 -13.24 21.30
C ALA D 325 9.97 -12.99 22.66
N ALA D 326 8.66 -13.17 22.73
CA ALA D 326 7.92 -13.03 23.99
C ALA D 326 8.60 -13.79 25.13
N ARG D 327 8.71 -13.13 26.28
CA ARG D 327 9.30 -13.74 27.48
C ARG D 327 9.05 -12.90 28.73
N ASN D 328 9.24 -13.52 29.89
CA ASN D 328 9.22 -12.81 31.17
C ASN D 328 10.60 -12.86 31.81
N VAL D 329 11.09 -11.71 32.25
CA VAL D 329 12.45 -11.59 32.76
C VAL D 329 12.49 -11.53 34.29
N GLU D 330 13.45 -12.24 34.89
CA GLU D 330 13.68 -12.22 36.33
C GLU D 330 14.21 -10.87 36.79
N GLU D 331 15.05 -10.28 35.95
CA GLU D 331 15.67 -8.97 36.24
C GLU D 331 14.67 -7.82 36.22
N GLY D 332 13.66 -7.94 35.35
CA GLY D 332 12.60 -6.93 35.26
C GLY D 332 12.08 -6.71 33.85
N GLY D 333 10.78 -6.52 33.75
CA GLY D 333 10.13 -6.27 32.46
C GLY D 333 9.39 -7.47 31.90
N SER D 334 8.40 -7.20 31.05
CA SER D 334 7.61 -8.24 30.39
C SER D 334 7.49 -8.00 28.90
N LEU D 335 7.45 -9.09 28.12
CA LEU D 335 7.15 -9.02 26.70
C LEU D 335 6.20 -10.15 26.34
N THR D 336 4.98 -9.79 25.99
CA THR D 336 3.94 -10.77 25.74
C THR D 336 3.23 -10.47 24.43
N ILE D 337 3.24 -11.42 23.51
CA ILE D 337 2.72 -11.20 22.17
C ILE D 337 1.41 -11.92 21.94
N ILE D 338 0.38 -11.16 21.62
CA ILE D 338 -0.87 -11.71 21.14
C ILE D 338 -0.87 -11.54 19.64
N ALA D 339 -1.05 -12.63 18.91
CA ALA D 339 -1.07 -12.59 17.45
C ALA D 339 -2.22 -13.43 16.91
N THR D 340 -2.72 -13.05 15.74
CA THR D 340 -3.85 -13.72 15.12
C THR D 340 -3.44 -14.59 13.93
N ALA D 341 -4.10 -15.73 13.78
CA ALA D 341 -3.86 -16.59 12.63
C ALA D 341 -5.07 -16.59 11.70
N LEU D 342 -4.87 -16.11 10.48
CA LEU D 342 -5.90 -16.11 9.46
C LEU D 342 -6.10 -17.54 8.95
N ILE D 343 -7.35 -17.99 8.96
CA ILE D 343 -7.68 -19.35 8.57
C ILE D 343 -8.81 -19.39 7.54
N ASP D 344 -8.86 -20.48 6.77
CA ASP D 344 -9.90 -20.72 5.76
C ASP D 344 -10.05 -19.54 4.80
N THR D 345 -8.90 -19.00 4.37
CA THR D 345 -8.88 -17.94 3.37
C THR D 345 -8.86 -18.54 1.97
N GLY D 346 -8.76 -19.86 1.91
CA GLY D 346 -8.74 -20.59 0.65
C GLY D 346 -7.43 -20.42 -0.10
N SER D 347 -6.34 -20.22 0.66
CA SER D 347 -5.00 -20.14 0.09
C SER D 347 -4.12 -21.26 0.62
N LYS D 348 -3.42 -21.93 -0.29
CA LYS D 348 -2.56 -23.05 0.06
C LYS D 348 -1.57 -22.69 1.17
N MET D 349 -1.10 -21.45 1.16
CA MET D 349 -0.13 -20.96 2.16
C MET D 349 -0.75 -20.81 3.54
N ASP D 350 -1.73 -19.92 3.64
CA ASP D 350 -2.37 -19.59 4.92
C ASP D 350 -2.62 -20.82 5.77
N GLU D 351 -3.02 -21.92 5.13
CA GLU D 351 -3.14 -23.21 5.79
C GLU D 351 -1.77 -23.65 6.32
N VAL D 352 -0.85 -23.93 5.40
CA VAL D 352 0.50 -24.41 5.71
C VAL D 352 1.19 -23.58 6.80
N ILE D 353 1.12 -22.25 6.66
CA ILE D 353 1.71 -21.34 7.62
C ILE D 353 1.03 -21.45 9.00
N TYR D 354 -0.26 -21.76 9.02
CA TYR D 354 -0.95 -22.02 10.29
C TYR D 354 -0.52 -23.35 10.91
N GLU D 355 -0.44 -24.39 10.08
CA GLU D 355 -0.03 -25.71 10.55
C GLU D 355 1.33 -25.63 11.22
N GLU D 356 2.15 -24.67 10.79
CA GLU D 356 3.49 -24.49 11.34
C GLU D 356 3.47 -23.77 12.69
N PHE D 357 2.56 -22.82 12.86
CA PHE D 357 2.44 -22.09 14.13
C PHE D 357 1.49 -22.75 15.12
N LYS D 358 0.66 -23.67 14.65
CA LYS D 358 -0.36 -24.31 15.49
C LYS D 358 0.30 -24.92 16.73
N GLY D 359 -0.17 -24.49 17.90
CA GLY D 359 0.34 -24.97 19.17
C GLY D 359 1.82 -24.67 19.39
N THR D 360 2.21 -23.42 19.13
CA THR D 360 3.54 -22.94 19.47
C THR D 360 3.43 -21.89 20.57
N GLY D 361 2.20 -21.41 20.78
CA GLY D 361 1.92 -20.51 21.88
C GLY D 361 1.61 -21.28 23.14
N ASN D 362 1.57 -20.58 24.26
CA ASN D 362 1.17 -21.16 25.54
C ASN D 362 -0.34 -21.06 25.76
N MET D 363 -1.03 -20.48 24.78
CA MET D 363 -2.50 -20.55 24.69
C MET D 363 -2.97 -20.36 23.26
N GLU D 364 -4.09 -20.98 22.90
CA GLU D 364 -4.69 -20.77 21.59
C GLU D 364 -6.20 -20.61 21.63
N LEU D 365 -6.69 -19.58 20.93
CA LEU D 365 -8.11 -19.24 20.92
C LEU D 365 -8.69 -19.32 19.51
N HIS D 366 -9.65 -20.23 19.33
CA HIS D 366 -10.32 -20.39 18.04
C HIS D 366 -11.63 -19.62 18.01
N LEU D 367 -11.71 -18.62 17.14
CA LEU D 367 -12.89 -17.76 17.07
C LEU D 367 -14.00 -18.38 16.24
N SER D 368 -14.75 -19.30 16.85
CA SER D 368 -16.03 -19.81 16.32
C SER D 368 -16.01 -20.29 14.87
N ARG D 369 -15.80 -21.60 14.69
CA ARG D 369 -15.93 -22.24 13.39
C ARG D 369 -17.26 -22.98 13.30
N LYS D 370 -18.02 -22.69 12.23
CA LYS D 370 -19.37 -23.24 12.00
C LYS D 370 -20.42 -22.68 12.97
N ILE D 371 -19.95 -22.19 14.13
CA ILE D 371 -20.81 -21.60 15.16
C ILE D 371 -20.83 -20.07 15.00
N ALA D 372 -20.05 -19.56 14.05
CA ALA D 372 -19.94 -18.12 13.77
C ALA D 372 -21.26 -17.52 13.23
N GLU D 373 -22.22 -18.38 12.93
CA GLU D 373 -23.51 -17.95 12.36
C GLU D 373 -24.62 -17.77 13.40
N LYS D 374 -24.38 -18.25 14.63
CA LYS D 374 -25.35 -18.11 15.72
C LYS D 374 -25.44 -16.66 16.21
N ARG D 375 -26.33 -15.90 15.56
CA ARG D 375 -26.49 -14.47 15.80
C ARG D 375 -27.40 -14.17 17.00
N VAL D 376 -26.86 -14.35 18.20
CA VAL D 376 -27.58 -14.05 19.43
C VAL D 376 -26.81 -12.99 20.23
N LYS E 53 -0.01 9.96 -44.51
CA LYS E 53 -0.15 11.38 -44.03
C LYS E 53 0.91 11.71 -42.96
N GLN E 54 1.61 10.68 -42.49
CA GLN E 54 2.63 10.82 -41.45
C GLN E 54 3.94 11.40 -41.97
N ASP E 55 4.36 10.96 -43.16
CA ASP E 55 5.58 11.45 -43.80
C ASP E 55 5.42 12.88 -44.36
N ILE E 56 4.18 13.31 -44.55
CA ILE E 56 3.87 14.64 -45.07
C ILE E 56 4.09 15.72 -44.00
N ILE E 57 3.82 15.37 -42.74
CA ILE E 57 3.99 16.28 -41.61
C ILE E 57 5.45 16.70 -41.41
N PHE E 58 6.37 15.74 -41.58
CA PHE E 58 7.81 15.97 -41.40
C PHE E 58 8.41 17.03 -42.32
N ALA E 59 7.91 17.10 -43.55
CA ALA E 59 8.39 18.07 -44.53
C ALA E 59 7.87 19.49 -44.28
N ILE E 60 6.68 19.59 -43.69
CA ILE E 60 6.06 20.88 -43.38
C ILE E 60 6.77 21.60 -42.23
N LEU E 61 7.07 20.87 -41.16
CA LEU E 61 7.67 21.46 -39.96
C LEU E 61 9.17 21.74 -40.08
N LYS E 62 9.86 21.02 -40.95
CA LYS E 62 11.31 21.17 -41.12
C LYS E 62 11.68 22.43 -41.91
N GLN E 63 11.01 22.66 -43.04
CA GLN E 63 11.26 23.86 -43.85
C GLN E 63 10.59 25.11 -43.28
N HIS E 64 9.82 24.94 -42.20
CA HIS E 64 9.21 26.05 -41.50
C HIS E 64 10.13 26.54 -40.36
N ALA E 65 11.41 26.18 -40.46
CA ALA E 65 12.42 26.63 -39.51
C ALA E 65 13.06 27.93 -39.99
N LYS E 66 12.22 28.83 -40.48
CA LYS E 66 12.65 30.16 -40.90
C LYS E 66 12.06 31.24 -39.98
N SER E 67 11.11 30.82 -39.14
CA SER E 67 10.49 31.71 -38.15
C SER E 67 11.01 31.45 -36.73
N GLY E 68 11.33 30.19 -36.45
CA GLY E 68 11.94 29.80 -35.18
C GLY E 68 11.03 29.05 -34.25
N GLU E 69 10.08 29.75 -33.65
CA GLU E 69 9.19 29.17 -32.65
C GLU E 69 7.71 29.47 -32.90
N ASP E 70 6.99 28.44 -33.37
CA ASP E 70 5.53 28.49 -33.51
C ASP E 70 4.91 27.09 -33.72
N ILE E 71 5.68 26.05 -33.41
CA ILE E 71 5.20 24.66 -33.48
C ILE E 71 4.84 24.14 -32.09
N PHE E 72 3.55 24.12 -31.79
CA PHE E 72 3.08 23.63 -30.50
C PHE E 72 2.66 22.16 -30.59
N GLY E 73 3.06 21.38 -29.58
CA GLY E 73 2.66 19.98 -29.46
C GLY E 73 2.39 19.61 -28.01
N ASP E 74 1.45 18.70 -27.78
CA ASP E 74 1.02 18.37 -26.41
C ASP E 74 1.12 16.88 -26.03
N GLY E 75 0.11 16.40 -25.31
CA GLY E 75 0.01 15.00 -24.91
C GLY E 75 0.07 14.80 -23.42
N VAL E 76 0.63 13.66 -23.01
CA VAL E 76 0.84 13.30 -21.61
C VAL E 76 2.15 12.52 -21.53
N LEU E 77 3.06 12.96 -20.67
CA LEU E 77 4.40 12.36 -20.62
C LEU E 77 4.42 10.94 -20.06
N GLU E 78 5.13 10.05 -20.74
CA GLU E 78 5.48 8.75 -20.18
C GLU E 78 6.99 8.72 -19.93
N ILE E 79 7.39 8.39 -18.70
CA ILE E 79 8.79 8.22 -18.35
C ILE E 79 9.12 6.73 -18.40
N LEU E 80 10.21 6.40 -19.11
CA LEU E 80 10.56 5.01 -19.38
C LEU E 80 11.66 4.47 -18.46
N GLN E 81 11.91 3.17 -18.57
CA GLN E 81 12.86 2.45 -17.70
C GLN E 81 14.29 2.99 -17.72
N ASP E 82 14.67 3.63 -18.82
CA ASP E 82 16.00 4.20 -18.95
C ASP E 82 16.15 5.49 -18.16
N GLY E 83 15.19 6.40 -18.32
CA GLY E 83 15.22 7.72 -17.68
C GLY E 83 14.48 8.79 -18.46
N PHE E 84 14.59 8.73 -19.78
CA PHE E 84 13.86 9.64 -20.66
C PHE E 84 12.38 9.29 -20.74
N GLY E 85 11.61 10.19 -21.34
CA GLY E 85 10.20 9.95 -21.58
C GLY E 85 9.74 10.46 -22.93
N PHE E 86 8.44 10.26 -23.21
CA PHE E 86 7.80 10.74 -24.43
C PHE E 86 6.47 11.39 -24.09
N LEU E 87 6.08 12.40 -24.87
CA LEU E 87 4.72 12.94 -24.80
C LEU E 87 3.83 12.10 -25.70
N ARG E 88 2.69 11.65 -25.16
CA ARG E 88 1.81 10.74 -25.90
C ARG E 88 0.38 11.27 -26.02
N SER E 89 -0.26 10.96 -27.16
CA SER E 89 -1.58 11.49 -27.49
C SER E 89 -2.72 10.58 -27.07
N ALA E 90 -3.83 11.19 -26.66
CA ALA E 90 -4.98 10.46 -26.11
C ALA E 90 -5.87 9.81 -27.16
N ASP E 91 -5.87 10.36 -28.37
CA ASP E 91 -6.75 9.88 -29.44
C ASP E 91 -6.52 8.41 -29.80
N SER E 92 -5.27 7.97 -29.71
CA SER E 92 -4.87 6.61 -30.09
C SER E 92 -4.67 5.72 -28.86
N SER E 93 -5.31 6.09 -27.75
CA SER E 93 -5.17 5.41 -26.45
C SER E 93 -3.71 5.35 -25.97
N TYR E 94 -3.01 6.46 -26.14
CA TYR E 94 -1.62 6.63 -25.69
C TYR E 94 -0.64 5.64 -26.32
N LEU E 95 -0.76 5.46 -27.63
CA LEU E 95 0.10 4.55 -28.37
C LEU E 95 1.40 5.23 -28.79
N ALA E 96 2.49 4.46 -28.76
CA ALA E 96 3.82 4.95 -29.14
C ALA E 96 3.88 5.33 -30.61
N GLY E 97 3.65 6.61 -30.89
CA GLY E 97 3.65 7.13 -32.25
C GLY E 97 4.95 7.81 -32.66
N PRO E 98 5.21 7.87 -33.97
CA PRO E 98 6.32 8.65 -34.52
C PRO E 98 6.13 10.15 -34.32
N ASP E 99 4.86 10.58 -34.23
CA ASP E 99 4.53 11.97 -33.92
C ASP E 99 4.33 12.19 -32.41
N ASP E 100 5.04 11.39 -31.62
CA ASP E 100 5.13 11.58 -30.18
C ASP E 100 6.36 12.43 -29.85
N ILE E 101 6.14 13.49 -29.08
CA ILE E 101 7.20 14.43 -28.71
C ILE E 101 8.15 13.79 -27.69
N TYR E 102 9.44 13.79 -28.02
CA TYR E 102 10.46 13.27 -27.11
C TYR E 102 10.69 14.23 -25.95
N VAL E 103 10.94 13.65 -24.78
CA VAL E 103 11.24 14.41 -23.59
C VAL E 103 12.57 13.96 -23.00
N SER E 104 13.45 14.93 -22.78
CA SER E 104 14.76 14.67 -22.18
C SER E 104 14.62 14.28 -20.71
N PRO E 105 15.53 13.42 -20.21
CA PRO E 105 15.57 13.09 -18.78
C PRO E 105 16.02 14.28 -17.93
N SER E 106 16.53 15.32 -18.59
CA SER E 106 17.01 16.52 -17.92
C SER E 106 15.88 17.50 -17.58
N GLN E 107 14.94 17.66 -18.50
CA GLN E 107 13.74 18.47 -18.25
C GLN E 107 12.84 17.80 -17.22
N ILE E 108 12.89 16.47 -17.20
CA ILE E 108 12.26 15.67 -16.15
C ILE E 108 12.80 16.08 -14.77
N ARG E 109 14.10 16.37 -14.72
CA ARG E 109 14.76 16.83 -13.50
C ARG E 109 14.54 18.32 -13.24
N ARG E 110 14.27 19.09 -14.30
CA ARG E 110 14.06 20.53 -14.20
C ARG E 110 12.66 20.92 -13.72
N PHE E 111 11.64 20.30 -14.30
CA PHE E 111 10.26 20.66 -14.00
C PHE E 111 9.56 19.65 -13.07
N ASN E 112 10.35 18.99 -12.21
CA ASN E 112 9.85 17.98 -11.26
C ASN E 112 8.86 17.01 -11.91
N LEU E 113 9.05 16.77 -13.20
CA LEU E 113 8.07 16.03 -14.01
C LEU E 113 8.00 14.55 -13.69
N ARG E 114 6.78 14.09 -13.44
CA ARG E 114 6.49 12.70 -13.18
C ARG E 114 5.60 12.20 -14.31
N THR E 115 5.78 10.93 -14.68
CA THR E 115 4.99 10.32 -15.75
C THR E 115 3.49 10.49 -15.50
N GLY E 116 2.82 11.21 -16.39
CA GLY E 116 1.38 11.42 -16.29
C GLY E 116 0.96 12.87 -16.36
N ASP E 117 1.94 13.77 -16.51
CA ASP E 117 1.67 15.20 -16.64
C ASP E 117 1.12 15.55 -18.02
N THR E 118 0.04 16.32 -18.05
CA THR E 118 -0.59 16.75 -19.30
C THR E 118 0.16 17.93 -19.94
N ILE E 119 1.37 17.64 -20.41
CA ILE E 119 2.30 18.64 -20.93
C ILE E 119 1.91 19.15 -22.32
N SER E 120 1.63 20.45 -22.40
CA SER E 120 1.46 21.15 -23.67
C SER E 120 2.62 22.12 -23.84
N GLY E 121 3.29 22.09 -25.00
CA GLY E 121 4.46 22.96 -25.18
C GLY E 121 5.11 23.02 -26.57
N LYS E 122 6.09 23.91 -26.70
CA LYS E 122 6.82 24.13 -27.95
C LYS E 122 7.75 22.97 -28.27
N ILE E 123 7.83 22.61 -29.54
CA ILE E 123 8.69 21.52 -30.02
C ILE E 123 9.61 21.97 -31.17
N ARG E 124 10.63 21.17 -31.48
CA ARG E 124 11.43 21.39 -32.68
C ARG E 124 11.67 20.09 -33.46
N PRO E 125 11.72 20.18 -34.81
CA PRO E 125 12.00 19.06 -35.71
C PRO E 125 13.29 18.32 -35.35
N PRO E 126 13.39 17.03 -35.69
CA PRO E 126 14.51 16.19 -35.27
C PRO E 126 15.82 16.46 -36.02
N LYS E 127 16.93 16.44 -35.27
CA LYS E 127 18.27 16.57 -35.85
C LYS E 127 18.83 15.19 -36.18
N GLU E 128 19.61 15.12 -37.25
CA GLU E 128 20.22 13.87 -37.72
C GLU E 128 20.87 13.10 -36.58
N GLY E 129 20.75 11.78 -36.62
CA GLY E 129 21.17 10.92 -35.52
C GLY E 129 19.99 10.58 -34.64
N GLU E 130 19.02 11.49 -34.57
CA GLU E 130 17.79 11.30 -33.81
C GLU E 130 16.71 10.61 -34.64
N ARG E 131 15.49 10.62 -34.13
CA ARG E 131 14.35 9.97 -34.77
C ARG E 131 13.04 10.73 -34.54
N TYR E 132 12.96 11.49 -33.45
CA TYR E 132 11.70 12.13 -33.04
C TYR E 132 11.82 13.63 -32.71
N PHE E 133 10.67 14.30 -32.72
CA PHE E 133 10.55 15.72 -32.36
C PHE E 133 10.79 15.89 -30.87
N ALA E 134 11.84 16.62 -30.52
CA ALA E 134 12.21 16.84 -29.10
C ALA E 134 11.34 17.91 -28.42
N LEU E 135 11.49 18.05 -27.11
CA LEU E 135 10.83 19.13 -26.38
C LEU E 135 11.76 20.35 -26.33
N LEU E 136 11.61 21.23 -27.30
CA LEU E 136 12.44 22.44 -27.45
C LEU E 136 12.38 23.37 -26.25
N LYS E 137 11.16 23.59 -25.75
CA LYS E 137 10.93 24.39 -24.54
C LYS E 137 9.56 24.03 -23.93
N VAL E 138 9.21 24.68 -22.83
CA VAL E 138 7.98 24.37 -22.09
C VAL E 138 7.08 25.62 -21.96
N ASN E 139 5.77 25.42 -22.14
CA ASN E 139 4.78 26.48 -21.99
C ASN E 139 3.81 26.26 -20.84
N GLU E 140 2.94 25.26 -20.97
CA GLU E 140 1.90 24.96 -19.98
C GLU E 140 1.92 23.49 -19.56
N VAL E 141 2.20 23.23 -18.29
CA VAL E 141 2.27 21.86 -17.76
C VAL E 141 0.87 21.30 -17.48
N ASN E 142 -0.07 22.19 -17.16
CA ASN E 142 -1.47 21.80 -16.94
C ASN E 142 -2.45 22.90 -17.35
N PHE E 143 -3.31 23.29 -16.41
CA PHE E 143 -4.28 24.36 -16.62
C PHE E 143 -3.59 25.73 -16.56
N ASP E 144 -4.23 26.70 -15.90
CA ASP E 144 -3.66 28.05 -15.78
C ASP E 144 -2.41 28.08 -14.92
N LYS E 145 -2.07 26.93 -14.33
CA LYS E 145 -0.88 26.78 -13.51
C LYS E 145 0.38 26.99 -14.36
N PRO E 146 1.28 27.88 -13.90
CA PRO E 146 2.56 28.15 -14.57
C PRO E 146 3.39 26.89 -14.80
N GLU E 147 4.36 26.98 -15.72
CA GLU E 147 5.36 25.93 -15.96
C GLU E 147 5.88 25.25 -14.68
N ASN E 148 5.73 25.96 -13.55
CA ASN E 148 6.14 25.47 -12.24
C ASN E 148 5.34 24.26 -11.76
N ALA E 149 6.07 23.21 -11.37
CA ALA E 149 5.46 22.05 -10.74
C ALA E 149 5.88 21.98 -9.26
N ARG E 150 6.49 23.06 -8.78
CA ARG E 150 7.03 23.13 -7.42
C ARG E 150 6.08 23.78 -6.41
N ASN E 151 4.89 24.19 -6.87
CA ASN E 151 3.94 24.89 -6.03
C ASN E 151 2.72 24.08 -5.59
N LYS E 152 2.63 22.83 -6.05
CA LYS E 152 1.52 21.95 -5.69
C LYS E 152 1.97 20.62 -5.09
N ILE E 153 1.17 20.12 -4.15
CA ILE E 153 1.49 18.91 -3.39
C ILE E 153 1.35 17.67 -4.27
N LEU E 154 2.29 16.73 -4.09
CA LEU E 154 2.24 15.44 -4.77
C LEU E 154 1.11 14.58 -4.22
N PHE E 155 0.42 13.90 -5.14
CA PHE E 155 -0.73 13.04 -4.84
C PHE E 155 -0.58 12.21 -3.58
N GLU E 156 0.58 11.58 -3.43
CA GLU E 156 0.83 10.66 -2.34
C GLU E 156 1.09 11.35 -0.99
N ASN E 157 1.27 12.67 -1.03
CA ASN E 157 1.41 13.46 0.17
C ASN E 157 0.13 14.17 0.60
N LEU E 158 -0.93 14.04 -0.19
CA LEU E 158 -2.23 14.61 0.15
C LEU E 158 -2.85 13.88 1.34
N THR E 159 -3.69 14.58 2.10
CA THR E 159 -4.30 14.03 3.29
C THR E 159 -5.60 13.28 2.94
N PRO E 160 -5.65 11.97 3.25
CA PRO E 160 -6.84 11.21 2.90
C PRO E 160 -7.91 11.26 3.99
N LEU E 161 -9.16 11.28 3.55
CA LEU E 161 -10.32 11.10 4.44
C LEU E 161 -10.84 9.69 4.26
N HIS E 162 -11.03 9.00 5.38
CA HIS E 162 -11.40 7.58 5.33
C HIS E 162 -12.89 7.35 5.56
N ALA E 163 -13.42 6.32 4.91
CA ALA E 163 -14.76 5.83 5.22
C ALA E 163 -14.71 5.09 6.56
N ASN E 164 -15.38 3.95 6.65
CA ASN E 164 -15.24 3.12 7.84
C ASN E 164 -14.97 1.65 7.54
N SER E 165 -14.44 0.95 8.53
CA SER E 165 -14.07 -0.45 8.42
C SER E 165 -15.07 -1.23 7.59
N ARG E 166 -16.35 -1.07 7.90
CA ARG E 166 -17.42 -1.86 7.30
C ARG E 166 -17.33 -1.97 5.77
N LEU E 167 -17.09 -3.20 5.32
CA LEU E 167 -17.21 -3.57 3.93
C LEU E 167 -18.68 -3.77 3.61
N ARG E 168 -19.15 -3.13 2.55
CA ARG E 168 -20.56 -3.19 2.15
C ARG E 168 -20.82 -4.26 1.12
N MET E 169 -21.27 -5.41 1.60
CA MET E 169 -21.57 -6.55 0.75
C MET E 169 -22.92 -6.35 0.10
N GLU E 170 -22.92 -5.68 -1.05
CA GLU E 170 -24.16 -5.30 -1.69
C GLU E 170 -24.72 -6.40 -2.59
N ARG E 171 -26.04 -6.47 -2.66
CA ARG E 171 -26.79 -7.54 -3.36
C ARG E 171 -26.54 -7.54 -4.87
N GLY E 172 -26.46 -8.74 -5.44
CA GLY E 172 -26.10 -8.90 -6.84
C GLY E 172 -27.26 -9.12 -7.80
N ASN E 173 -28.45 -9.36 -7.26
CA ASN E 173 -29.60 -9.67 -8.10
C ASN E 173 -30.59 -8.51 -8.26
N GLY E 174 -31.10 -8.39 -9.49
CA GLY E 174 -32.03 -7.34 -9.87
C GLY E 174 -31.74 -6.96 -11.32
N SER E 175 -32.57 -6.08 -11.87
CA SER E 175 -32.34 -5.53 -13.21
C SER E 175 -31.04 -4.74 -13.20
N THR E 176 -30.32 -4.75 -14.32
CA THR E 176 -29.07 -4.00 -14.42
C THR E 176 -29.28 -2.51 -14.08
N GLU E 177 -30.54 -2.08 -14.16
CA GLU E 177 -30.93 -0.72 -13.77
C GLU E 177 -30.84 -0.55 -12.25
N ASP E 178 -31.16 -1.61 -11.52
CA ASP E 178 -31.06 -1.58 -10.07
C ASP E 178 -29.61 -1.70 -9.63
N LEU E 179 -28.92 -2.73 -10.11
CA LEU E 179 -27.53 -2.98 -9.72
C LEU E 179 -26.66 -1.76 -9.90
N THR E 180 -26.89 -1.03 -10.99
CA THR E 180 -26.16 0.19 -11.26
C THR E 180 -26.44 1.27 -10.21
N ALA E 181 -27.71 1.39 -9.79
CA ALA E 181 -28.10 2.32 -8.74
C ALA E 181 -27.45 1.97 -7.39
N ARG E 182 -27.04 0.71 -7.25
CA ARG E 182 -26.31 0.28 -6.08
C ARG E 182 -24.85 0.77 -6.14
N VAL E 183 -24.20 0.63 -7.29
CA VAL E 183 -22.79 1.02 -7.38
C VAL E 183 -22.63 2.53 -7.48
N LEU E 184 -23.69 3.22 -7.86
CA LEU E 184 -23.62 4.65 -8.12
C LEU E 184 -23.53 5.48 -6.83
N ASP E 185 -23.62 4.81 -5.69
CA ASP E 185 -23.38 5.44 -4.40
C ASP E 185 -21.89 5.73 -4.20
N LEU E 186 -21.07 5.25 -5.14
CA LEU E 186 -19.63 5.54 -5.15
C LEU E 186 -19.35 6.70 -6.10
N ALA E 187 -20.38 7.12 -6.82
CA ALA E 187 -20.26 8.18 -7.82
C ALA E 187 -20.92 9.49 -7.35
N SER E 188 -21.73 9.40 -6.30
CA SER E 188 -22.43 10.55 -5.74
C SER E 188 -21.46 11.39 -4.91
N PRO E 189 -21.54 12.73 -5.05
CA PRO E 189 -20.62 13.68 -4.42
C PRO E 189 -20.38 13.46 -2.93
N ILE E 190 -21.26 12.69 -2.29
CA ILE E 190 -21.02 12.27 -0.92
C ILE E 190 -20.04 11.09 -0.89
N GLY E 191 -20.44 9.97 -1.49
CA GLY E 191 -19.68 8.72 -1.41
C GLY E 191 -18.45 8.55 -2.31
N ARG E 192 -17.84 9.64 -2.74
CA ARG E 192 -16.68 9.56 -3.62
C ARG E 192 -15.39 9.25 -2.85
N GLY E 193 -14.42 8.67 -3.55
CA GLY E 193 -13.14 8.27 -2.95
C GLY E 193 -13.08 6.82 -2.51
N GLN E 194 -14.00 5.99 -3.02
CA GLN E 194 -14.12 4.62 -2.54
C GLN E 194 -13.59 3.57 -3.50
N ARG E 195 -13.28 2.40 -2.95
CA ARG E 195 -12.81 1.27 -3.73
C ARG E 195 -13.97 0.30 -3.89
N GLY E 196 -14.47 0.18 -5.12
CA GLY E 196 -15.54 -0.75 -5.44
C GLY E 196 -15.06 -1.94 -6.24
N LEU E 197 -15.53 -3.12 -5.85
CA LEU E 197 -15.20 -4.34 -6.59
C LEU E 197 -16.46 -5.01 -7.11
N ILE E 198 -16.51 -5.25 -8.43
CA ILE E 198 -17.62 -5.98 -9.03
C ILE E 198 -17.15 -7.38 -9.38
N VAL E 199 -17.57 -8.36 -8.60
CA VAL E 199 -17.18 -9.75 -8.84
C VAL E 199 -18.12 -10.34 -9.88
N ALA E 200 -17.54 -10.81 -10.98
CA ALA E 200 -18.33 -11.20 -12.16
C ALA E 200 -17.93 -12.54 -12.79
N PRO E 201 -18.83 -13.54 -12.71
CA PRO E 201 -18.72 -14.79 -13.45
C PRO E 201 -18.99 -14.58 -14.95
N PRO E 202 -18.68 -15.59 -15.77
CA PRO E 202 -18.94 -15.46 -17.21
C PRO E 202 -20.43 -15.53 -17.55
N LYS E 203 -20.81 -14.81 -18.61
CA LYS E 203 -22.21 -14.72 -19.08
C LYS E 203 -23.18 -14.09 -18.06
N ALA E 204 -22.64 -13.38 -17.07
CA ALA E 204 -23.44 -12.91 -15.95
C ALA E 204 -23.97 -11.48 -16.12
N GLY E 205 -23.74 -10.91 -17.30
CA GLY E 205 -24.28 -9.60 -17.64
C GLY E 205 -23.38 -8.42 -17.33
N LYS E 206 -22.07 -8.68 -17.24
CA LYS E 206 -21.09 -7.65 -16.89
C LYS E 206 -21.03 -6.51 -17.89
N THR E 207 -20.77 -6.83 -19.16
CA THR E 207 -20.59 -5.81 -20.19
C THR E 207 -21.79 -4.87 -20.25
N MET E 208 -22.97 -5.46 -20.29
CA MET E 208 -24.24 -4.73 -20.34
C MET E 208 -24.31 -3.75 -19.16
N LEU E 209 -23.87 -4.21 -17.99
CA LEU E 209 -23.90 -3.39 -16.79
C LEU E 209 -22.90 -2.26 -16.86
N LEU E 210 -21.65 -2.59 -17.13
CA LEU E 210 -20.58 -1.59 -17.09
C LEU E 210 -20.87 -0.42 -18.01
N GLN E 211 -21.44 -0.72 -19.18
CA GLN E 211 -21.88 0.30 -20.10
C GLN E 211 -22.87 1.21 -19.38
N ASN E 212 -23.96 0.61 -18.89
CA ASN E 212 -24.95 1.34 -18.10
C ASN E 212 -24.32 2.13 -16.96
N ILE E 213 -23.42 1.50 -16.20
CA ILE E 213 -22.69 2.19 -15.12
C ILE E 213 -22.00 3.43 -15.67
N ALA E 214 -21.19 3.23 -16.70
CA ALA E 214 -20.44 4.31 -17.32
C ALA E 214 -21.37 5.37 -17.88
N GLN E 215 -22.35 4.92 -18.66
CA GLN E 215 -23.26 5.83 -19.35
C GLN E 215 -23.95 6.75 -18.36
N SER E 216 -24.41 6.21 -17.25
CA SER E 216 -25.15 6.99 -16.27
C SER E 216 -24.26 7.86 -15.39
N ILE E 217 -22.98 7.48 -15.25
CA ILE E 217 -22.03 8.33 -14.53
C ILE E 217 -21.78 9.63 -15.29
N ALA E 218 -21.62 9.52 -16.61
CA ALA E 218 -21.41 10.69 -17.46
C ALA E 218 -22.66 11.57 -17.56
N TYR E 219 -23.82 10.94 -17.60
CA TYR E 219 -25.08 11.64 -17.83
C TYR E 219 -25.67 12.17 -16.53
N ASN E 220 -25.26 11.58 -15.42
CA ASN E 220 -25.76 11.97 -14.10
C ASN E 220 -24.74 12.80 -13.33
N HIS E 221 -23.47 12.64 -13.69
CA HIS E 221 -22.38 13.39 -13.07
C HIS E 221 -21.45 13.99 -14.14
N PRO E 222 -21.92 15.03 -14.85
CA PRO E 222 -21.01 15.71 -15.78
C PRO E 222 -20.02 16.60 -15.02
N ASP E 223 -20.27 16.79 -13.72
CA ASP E 223 -19.39 17.60 -12.87
C ASP E 223 -17.97 17.02 -12.72
N CYS E 224 -17.85 15.69 -12.77
CA CYS E 224 -16.55 15.04 -12.62
C CYS E 224 -16.11 14.23 -13.85
N VAL E 225 -14.79 14.18 -14.05
CA VAL E 225 -14.19 13.51 -15.21
C VAL E 225 -14.05 12.01 -14.97
N LEU E 226 -14.60 11.23 -15.90
CA LEU E 226 -14.64 9.77 -15.83
C LEU E 226 -13.73 9.14 -16.87
N MET E 227 -12.92 8.17 -16.44
CA MET E 227 -12.06 7.42 -17.35
C MET E 227 -12.44 5.95 -17.31
N VAL E 228 -13.02 5.46 -18.40
CA VAL E 228 -13.27 4.03 -18.54
C VAL E 228 -12.03 3.38 -19.09
N LEU E 229 -11.45 2.48 -18.30
CA LEU E 229 -10.29 1.73 -18.69
C LEU E 229 -10.67 0.28 -18.89
N LEU E 230 -10.55 -0.18 -20.14
CA LEU E 230 -10.80 -1.57 -20.47
C LEU E 230 -9.47 -2.26 -20.74
N ILE E 231 -9.39 -3.56 -20.52
CA ILE E 231 -8.14 -4.28 -20.67
C ILE E 231 -8.32 -5.65 -21.29
N ASP E 232 -7.43 -6.01 -22.23
CA ASP E 232 -7.38 -7.33 -22.84
C ASP E 232 -8.73 -7.69 -23.48
N GLU E 233 -9.31 -6.70 -24.15
CA GLU E 233 -10.72 -6.75 -24.50
C GLU E 233 -10.95 -6.77 -26.01
N ARG E 234 -12.07 -7.39 -26.40
CA ARG E 234 -12.55 -7.44 -27.78
C ARG E 234 -12.55 -6.04 -28.40
N PRO E 235 -12.10 -5.92 -29.67
CA PRO E 235 -12.06 -4.61 -30.30
C PRO E 235 -13.42 -3.93 -30.38
N GLU E 236 -14.46 -4.70 -30.72
CA GLU E 236 -15.81 -4.17 -30.85
C GLU E 236 -16.43 -3.82 -29.51
N GLU E 237 -16.02 -4.52 -28.47
CA GLU E 237 -16.44 -4.21 -27.10
C GLU E 237 -16.04 -2.77 -26.80
N VAL E 238 -14.84 -2.41 -27.24
CA VAL E 238 -14.25 -1.09 -27.01
C VAL E 238 -14.94 0.01 -27.80
N THR E 239 -15.10 -0.20 -29.11
CA THR E 239 -15.72 0.82 -29.97
C THR E 239 -17.20 1.03 -29.66
N GLU E 240 -17.86 -0.01 -29.15
CA GLU E 240 -19.22 0.13 -28.67
C GLU E 240 -19.21 1.02 -27.43
N MET E 241 -18.24 0.78 -26.56
CA MET E 241 -18.07 1.57 -25.33
C MET E 241 -17.63 3.01 -25.62
N GLN E 242 -16.85 3.20 -26.68
CA GLN E 242 -16.40 4.52 -27.10
C GLN E 242 -17.60 5.38 -27.51
N ARG E 243 -18.37 4.89 -28.47
CA ARG E 243 -19.52 5.62 -29.00
C ARG E 243 -20.60 5.81 -27.94
N LEU E 244 -20.60 4.94 -26.94
CA LEU E 244 -21.59 4.96 -25.87
C LEU E 244 -21.37 6.09 -24.86
N VAL E 245 -20.12 6.53 -24.72
CA VAL E 245 -19.74 7.49 -23.68
C VAL E 245 -19.07 8.75 -24.25
N LYS E 246 -19.48 9.91 -23.73
CA LYS E 246 -18.94 11.21 -24.15
C LYS E 246 -17.52 11.43 -23.64
N GLY E 247 -17.24 10.92 -22.45
CA GLY E 247 -15.94 11.07 -21.79
C GLY E 247 -14.81 10.26 -22.40
N GLU E 248 -13.74 10.09 -21.63
CA GLU E 248 -12.54 9.43 -22.10
C GLU E 248 -12.61 7.92 -21.89
N VAL E 249 -12.35 7.16 -22.97
CA VAL E 249 -12.32 5.70 -22.90
C VAL E 249 -10.94 5.20 -23.35
N VAL E 250 -10.20 4.57 -22.44
CA VAL E 250 -8.87 4.05 -22.74
C VAL E 250 -8.85 2.54 -22.60
N ALA E 251 -8.44 1.85 -23.65
CA ALA E 251 -8.46 0.41 -23.68
C ALA E 251 -7.37 -0.20 -24.55
N SER E 252 -7.03 -1.46 -24.26
CA SER E 252 -6.11 -2.25 -25.07
C SER E 252 -6.75 -3.58 -25.40
N THR E 253 -6.70 -3.93 -26.69
CA THR E 253 -7.32 -5.14 -27.19
C THR E 253 -6.57 -6.40 -26.79
N PHE E 254 -7.22 -7.55 -26.94
CA PHE E 254 -6.64 -8.84 -26.56
C PHE E 254 -5.40 -9.21 -27.35
N ASP E 255 -5.23 -8.59 -28.52
CA ASP E 255 -4.07 -8.86 -29.37
C ASP E 255 -2.88 -7.93 -29.05
N GLU E 256 -3.13 -6.91 -28.24
CA GLU E 256 -2.06 -6.09 -27.69
C GLU E 256 -1.25 -6.95 -26.72
N PRO E 257 0.08 -6.69 -26.60
CA PRO E 257 0.89 -7.44 -25.65
C PRO E 257 0.72 -6.94 -24.23
N ALA E 258 1.17 -7.73 -23.25
CA ALA E 258 1.14 -7.34 -21.85
C ALA E 258 1.92 -6.05 -21.61
N SER E 259 3.02 -5.88 -22.36
CA SER E 259 3.79 -4.63 -22.40
C SER E 259 2.84 -3.43 -22.50
N ARG E 260 1.90 -3.52 -23.45
CA ARG E 260 0.91 -2.47 -23.68
C ARG E 260 -0.12 -2.36 -22.55
N HIS E 261 -0.73 -3.50 -22.19
CA HIS E 261 -1.77 -3.55 -21.16
C HIS E 261 -1.38 -2.81 -19.89
N VAL E 262 -0.14 -3.04 -19.44
CA VAL E 262 0.39 -2.44 -18.23
C VAL E 262 0.58 -0.93 -18.42
N GLN E 263 1.28 -0.55 -19.49
CA GLN E 263 1.52 0.85 -19.81
C GLN E 263 0.23 1.65 -19.88
N VAL E 264 -0.74 1.14 -20.63
CA VAL E 264 -2.00 1.83 -20.85
C VAL E 264 -2.80 2.03 -19.55
N ALA E 265 -2.62 1.12 -18.60
CA ALA E 265 -3.26 1.23 -17.29
C ALA E 265 -2.44 2.17 -16.38
N GLU E 266 -1.12 1.98 -16.41
CA GLU E 266 -0.18 2.87 -15.72
C GLU E 266 -0.45 4.32 -16.09
N MET E 267 -0.87 4.55 -17.34
CA MET E 267 -1.13 5.89 -17.84
C MET E 267 -2.39 6.49 -17.21
N VAL E 268 -3.46 5.72 -17.21
CA VAL E 268 -4.75 6.22 -16.74
C VAL E 268 -4.69 6.56 -15.25
N ILE E 269 -4.02 5.70 -14.47
CA ILE E 269 -3.97 5.87 -13.02
C ILE E 269 -3.11 7.05 -12.60
N GLU E 270 -2.01 7.27 -13.32
CA GLU E 270 -1.14 8.41 -13.04
C GLU E 270 -1.82 9.69 -13.51
N LYS E 271 -2.49 9.63 -14.66
CA LYS E 271 -3.28 10.76 -15.11
C LYS E 271 -4.36 11.09 -14.08
N ALA E 272 -5.03 10.06 -13.57
CA ALA E 272 -5.96 10.19 -12.45
C ALA E 272 -5.29 10.89 -11.27
N LYS E 273 -4.20 10.29 -10.78
CA LYS E 273 -3.43 10.82 -9.67
C LYS E 273 -3.19 12.31 -9.85
N ARG E 274 -2.97 12.72 -11.08
CA ARG E 274 -2.57 14.07 -11.38
C ARG E 274 -3.74 15.06 -11.35
N LEU E 275 -4.85 14.67 -11.96
CA LEU E 275 -6.04 15.52 -12.00
C LEU E 275 -6.60 15.78 -10.59
N VAL E 276 -6.44 14.79 -9.71
CA VAL E 276 -6.77 14.94 -8.30
C VAL E 276 -5.93 16.06 -7.67
N GLU E 277 -4.63 16.05 -7.96
CA GLU E 277 -3.71 17.08 -7.49
C GLU E 277 -4.15 18.50 -7.86
N HIS E 278 -5.03 18.59 -8.85
CA HIS E 278 -5.56 19.87 -9.27
C HIS E 278 -6.99 20.06 -8.81
N LYS E 279 -7.36 19.32 -7.76
CA LYS E 279 -8.63 19.47 -7.06
C LYS E 279 -9.86 19.00 -7.88
N LYS E 280 -9.61 18.21 -8.92
CA LYS E 280 -10.68 17.62 -9.72
C LYS E 280 -11.07 16.25 -9.21
N ASP E 281 -12.35 15.89 -9.37
CA ASP E 281 -12.85 14.58 -8.95
C ASP E 281 -12.79 13.58 -10.09
N VAL E 282 -12.18 12.42 -9.81
CA VAL E 282 -11.97 11.38 -10.82
C VAL E 282 -12.67 10.08 -10.47
N ILE E 283 -13.11 9.36 -11.52
CA ILE E 283 -13.61 8.00 -11.38
C ILE E 283 -12.99 7.07 -12.44
N ILE E 284 -12.26 6.07 -11.97
CA ILE E 284 -11.76 5.00 -12.81
C ILE E 284 -12.79 3.87 -12.82
N LEU E 285 -13.27 3.55 -14.02
CA LEU E 285 -14.13 2.40 -14.21
C LEU E 285 -13.29 1.35 -14.91
N LEU E 286 -12.54 0.59 -14.13
CA LEU E 286 -11.63 -0.41 -14.68
C LEU E 286 -12.31 -1.74 -14.93
N ASP E 287 -12.36 -2.14 -16.19
CA ASP E 287 -12.83 -3.47 -16.55
C ASP E 287 -11.71 -4.46 -16.42
N SER E 288 -11.96 -5.50 -15.63
CA SER E 288 -11.05 -6.62 -15.39
C SER E 288 -9.75 -6.26 -14.64
N ILE E 289 -9.83 -6.29 -13.31
CA ILE E 289 -8.67 -6.13 -12.46
C ILE E 289 -7.84 -7.41 -12.59
N THR E 290 -8.54 -8.53 -12.76
CA THR E 290 -7.90 -9.83 -12.88
C THR E 290 -7.09 -9.87 -14.17
N ARG E 291 -7.64 -9.30 -15.24
CA ARG E 291 -6.98 -9.30 -16.54
C ARG E 291 -5.71 -8.43 -16.53
N LEU E 292 -5.78 -7.27 -15.88
CA LEU E 292 -4.62 -6.40 -15.70
C LEU E 292 -3.56 -7.06 -14.83
N ALA E 293 -3.99 -7.75 -13.77
CA ALA E 293 -3.09 -8.51 -12.93
C ALA E 293 -2.32 -9.55 -13.75
N ARG E 294 -3.04 -10.27 -14.61
CA ARG E 294 -2.43 -11.29 -15.46
C ARG E 294 -1.28 -10.74 -16.30
N ALA E 295 -1.44 -9.51 -16.78
CA ALA E 295 -0.41 -8.80 -17.53
C ALA E 295 0.75 -8.43 -16.62
N TYR E 296 0.42 -7.89 -15.44
CA TYR E 296 1.44 -7.56 -14.45
C TYR E 296 2.25 -8.77 -14.02
N ASN E 297 1.64 -9.94 -14.04
CA ASN E 297 2.34 -11.18 -13.76
C ASN E 297 3.46 -11.39 -14.76
N THR E 298 3.13 -11.19 -16.03
CA THR E 298 4.04 -11.54 -17.13
C THR E 298 4.99 -10.41 -17.53
N VAL E 299 4.89 -9.26 -16.87
CA VAL E 299 5.75 -8.12 -17.18
C VAL E 299 6.90 -7.96 -16.18
N VAL E 300 6.60 -8.09 -14.88
CA VAL E 300 7.62 -8.02 -13.84
C VAL E 300 8.58 -9.21 -13.96
N PRO E 301 9.90 -8.94 -13.99
CA PRO E 301 10.93 -9.98 -14.09
C PRO E 301 10.86 -11.00 -12.95
N ALA E 302 11.12 -12.26 -13.29
CA ALA E 302 10.96 -13.38 -12.36
C ALA E 302 11.76 -13.21 -11.08
N SER E 303 11.05 -12.97 -9.98
CA SER E 303 11.66 -12.79 -8.67
C SER E 303 12.24 -14.10 -8.15
N GLY E 304 11.60 -15.21 -8.50
CA GLY E 304 12.10 -16.53 -8.13
C GLY E 304 11.12 -17.37 -7.33
N LYS E 305 9.92 -16.84 -7.12
CA LYS E 305 8.87 -17.55 -6.39
C LYS E 305 7.53 -17.44 -7.09
N VAL E 306 6.79 -18.55 -7.10
CA VAL E 306 5.46 -18.58 -7.71
C VAL E 306 4.45 -19.23 -6.79
N LEU E 307 3.37 -18.51 -6.52
CA LEU E 307 2.24 -19.03 -5.76
C LEU E 307 1.44 -20.01 -6.61
N THR E 308 0.43 -20.61 -6.01
CA THR E 308 -0.45 -21.57 -6.70
C THR E 308 -0.99 -21.02 -8.03
N GLY E 309 -1.08 -21.88 -9.03
CA GLY E 309 -1.56 -21.51 -10.36
C GLY E 309 -0.45 -21.20 -11.35
N GLY E 310 0.42 -20.26 -10.97
CA GLY E 310 1.54 -19.85 -11.82
C GLY E 310 1.95 -18.42 -11.54
N VAL E 311 1.14 -17.73 -10.74
CA VAL E 311 1.36 -16.32 -10.43
C VAL E 311 2.44 -16.12 -9.37
N ASP E 312 3.44 -15.31 -9.74
CA ASP E 312 4.49 -14.87 -8.82
C ASP E 312 3.88 -14.00 -7.70
N ALA E 313 4.31 -14.26 -6.47
CA ALA E 313 3.85 -13.52 -5.30
C ALA E 313 4.10 -12.03 -5.48
N ASN E 314 5.28 -11.70 -6.01
CA ASN E 314 5.70 -10.32 -6.24
C ASN E 314 4.80 -9.55 -7.22
N ALA E 315 4.21 -10.28 -8.15
CA ALA E 315 3.44 -9.68 -9.26
C ALA E 315 2.17 -8.96 -8.83
N LEU E 316 1.59 -9.38 -7.71
CA LEU E 316 0.29 -8.87 -7.27
C LEU E 316 0.34 -7.43 -6.74
N HIS E 317 1.53 -7.01 -6.28
CA HIS E 317 1.68 -5.70 -5.65
C HIS E 317 1.31 -4.51 -6.54
N ARG E 318 1.60 -4.61 -7.84
CA ARG E 318 1.28 -3.53 -8.77
C ARG E 318 -0.24 -3.26 -8.88
N PRO E 319 -1.05 -4.27 -9.23
CA PRO E 319 -2.50 -4.03 -9.23
C PRO E 319 -3.06 -3.62 -7.87
N LYS E 320 -2.52 -4.19 -6.78
CA LYS E 320 -2.87 -3.77 -5.42
C LYS E 320 -2.76 -2.25 -5.32
N ARG E 321 -1.60 -1.74 -5.77
CA ARG E 321 -1.25 -0.34 -5.70
C ARG E 321 -2.26 0.50 -6.48
N PHE E 322 -2.66 -0.01 -7.64
CA PHE E 322 -3.69 0.63 -8.47
C PHE E 322 -4.94 0.82 -7.63
N PHE E 323 -5.44 -0.27 -7.07
CA PHE E 323 -6.68 -0.27 -6.31
C PHE E 323 -6.58 0.68 -5.13
N GLY E 324 -5.44 0.67 -4.45
CA GLY E 324 -5.24 1.50 -3.26
C GLY E 324 -5.05 2.98 -3.53
N ALA E 325 -5.03 3.37 -4.80
CA ALA E 325 -4.85 4.76 -5.18
C ALA E 325 -6.11 5.58 -4.88
N ALA E 326 -7.27 4.92 -4.91
CA ALA E 326 -8.54 5.58 -4.66
C ALA E 326 -8.63 6.21 -3.27
N ARG E 327 -8.79 7.53 -3.24
CA ARG E 327 -9.04 8.22 -1.97
C ARG E 327 -9.77 9.55 -2.14
N ASN E 328 -10.32 10.04 -1.02
CA ASN E 328 -10.85 11.39 -0.95
C ASN E 328 -9.91 12.22 -0.10
N VAL E 329 -9.59 13.43 -0.56
CA VAL E 329 -8.60 14.26 0.13
C VAL E 329 -9.15 15.50 0.81
N GLU E 330 -8.66 15.73 2.03
CA GLU E 330 -8.96 16.90 2.83
C GLU E 330 -8.65 18.15 2.03
N GLU E 331 -7.64 18.05 1.17
CA GLU E 331 -7.15 19.18 0.36
C GLU E 331 -8.12 19.55 -0.76
N GLY E 332 -9.00 18.62 -1.13
CA GLY E 332 -9.98 18.86 -2.18
C GLY E 332 -9.76 17.94 -3.37
N GLY E 333 -10.83 17.26 -3.80
CA GLY E 333 -10.75 16.32 -4.91
C GLY E 333 -10.92 14.89 -4.46
N SER E 334 -11.05 13.99 -5.42
CA SER E 334 -11.26 12.57 -5.13
C SER E 334 -10.86 11.70 -6.31
N LEU E 335 -10.34 10.52 -5.97
CA LEU E 335 -10.22 9.45 -6.93
C LEU E 335 -11.03 8.29 -6.39
N THR E 336 -11.93 7.78 -7.21
CA THR E 336 -12.75 6.62 -6.85
C THR E 336 -12.59 5.57 -7.95
N ILE E 337 -12.23 4.35 -7.55
CA ILE E 337 -11.97 3.27 -8.49
C ILE E 337 -12.94 2.12 -8.30
N ILE E 338 -13.80 1.93 -9.30
CA ILE E 338 -14.73 0.80 -9.32
C ILE E 338 -14.16 -0.23 -10.29
N ALA E 339 -13.59 -1.31 -9.75
CA ALA E 339 -12.97 -2.34 -10.57
C ALA E 339 -13.83 -3.60 -10.64
N THR E 340 -13.60 -4.40 -11.67
CA THR E 340 -14.30 -5.67 -11.81
C THR E 340 -13.31 -6.81 -11.76
N ALA E 341 -13.74 -7.91 -11.15
CA ALA E 341 -12.90 -9.10 -11.07
C ALA E 341 -13.65 -10.28 -11.67
N LEU E 342 -12.97 -10.97 -12.58
CA LEU E 342 -13.52 -12.15 -13.25
C LEU E 342 -13.32 -13.38 -12.38
N ILE E 343 -14.35 -14.21 -12.33
CA ILE E 343 -14.38 -15.35 -11.44
C ILE E 343 -14.96 -16.57 -12.17
N ASP E 344 -14.55 -17.77 -11.75
CA ASP E 344 -14.92 -19.03 -12.40
C ASP E 344 -14.72 -18.92 -13.91
N THR E 345 -13.49 -18.69 -14.33
CA THR E 345 -13.17 -18.49 -15.74
C THR E 345 -12.56 -19.73 -16.37
N GLY E 346 -12.44 -20.80 -15.57
CA GLY E 346 -11.82 -22.04 -16.03
C GLY E 346 -10.30 -21.99 -15.90
N SER E 347 -9.79 -20.84 -15.44
CA SER E 347 -8.37 -20.67 -15.18
C SER E 347 -8.13 -20.53 -13.68
N LYS E 348 -7.32 -21.42 -13.12
CA LYS E 348 -7.00 -21.42 -11.68
C LYS E 348 -6.25 -20.16 -11.25
N MET E 349 -5.63 -19.50 -12.22
CA MET E 349 -4.89 -18.27 -11.99
C MET E 349 -5.79 -17.11 -11.55
N ASP E 350 -6.94 -16.98 -12.21
CA ASP E 350 -7.89 -15.89 -11.91
C ASP E 350 -8.48 -15.98 -10.50
N GLU E 351 -8.66 -17.21 -10.01
CA GLU E 351 -9.18 -17.42 -8.65
C GLU E 351 -8.22 -16.90 -7.60
N VAL E 352 -6.92 -17.07 -7.84
CA VAL E 352 -5.91 -16.58 -6.90
C VAL E 352 -5.93 -15.05 -6.84
N ILE E 353 -5.96 -14.42 -8.00
CA ILE E 353 -6.08 -12.96 -8.08
C ILE E 353 -7.31 -12.49 -7.29
N TYR E 354 -8.45 -13.14 -7.55
CA TYR E 354 -9.67 -12.84 -6.81
C TYR E 354 -9.43 -12.96 -5.31
N GLU E 355 -9.05 -14.15 -4.87
CA GLU E 355 -8.90 -14.43 -3.45
C GLU E 355 -7.86 -13.53 -2.80
N GLU E 356 -6.99 -12.94 -3.61
CA GLU E 356 -6.04 -11.96 -3.12
C GLU E 356 -6.66 -10.58 -2.92
N PHE E 357 -7.62 -10.23 -3.77
CA PHE E 357 -8.32 -8.94 -3.68
C PHE E 357 -9.60 -9.04 -2.87
N LYS E 358 -9.96 -10.27 -2.49
CA LYS E 358 -11.25 -10.53 -1.84
C LYS E 358 -11.45 -9.66 -0.61
N GLY E 359 -12.28 -8.64 -0.76
CA GLY E 359 -12.60 -7.71 0.32
C GLY E 359 -11.48 -6.76 0.64
N THR E 360 -10.85 -6.20 -0.39
CA THR E 360 -9.89 -5.12 -0.20
C THR E 360 -10.63 -3.81 -0.44
N GLY E 361 -11.76 -3.91 -1.13
CA GLY E 361 -12.56 -2.74 -1.47
C GLY E 361 -13.36 -2.20 -0.31
N ASN E 362 -14.15 -1.16 -0.58
CA ASN E 362 -15.08 -0.62 0.39
C ASN E 362 -16.44 -1.29 0.24
N MET E 363 -16.89 -1.42 -1.00
CA MET E 363 -18.07 -2.22 -1.27
C MET E 363 -17.77 -3.13 -2.43
N GLU E 364 -18.48 -4.25 -2.48
CA GLU E 364 -18.39 -5.18 -3.60
C GLU E 364 -19.71 -5.90 -3.81
N LEU E 365 -20.04 -6.18 -5.06
CA LEU E 365 -21.23 -6.97 -5.36
C LEU E 365 -20.89 -8.12 -6.28
N HIS E 366 -21.48 -9.27 -6.00
CA HIS E 366 -21.13 -10.50 -6.72
C HIS E 366 -21.99 -10.76 -7.97
N LEU E 367 -22.69 -9.73 -8.44
CA LEU E 367 -23.54 -9.83 -9.63
C LEU E 367 -24.62 -10.91 -9.52
N SER E 368 -25.15 -11.31 -10.67
CA SER E 368 -26.33 -12.17 -10.74
C SER E 368 -26.07 -13.52 -11.40
N ARG E 369 -26.79 -14.53 -10.90
CA ARG E 369 -26.77 -15.86 -11.49
C ARG E 369 -28.06 -16.14 -12.25
N LYS E 370 -28.93 -15.12 -12.31
CA LYS E 370 -30.20 -15.23 -13.03
C LYS E 370 -30.11 -14.78 -14.49
N ILE E 371 -29.34 -13.72 -14.74
CA ILE E 371 -29.02 -13.31 -16.11
C ILE E 371 -28.02 -14.32 -16.70
N ALA E 372 -27.29 -15.00 -15.81
CA ALA E 372 -26.43 -16.13 -16.19
C ALA E 372 -27.26 -17.37 -16.56
N GLU E 373 -28.59 -17.26 -16.44
CA GLU E 373 -29.52 -18.35 -16.76
C GLU E 373 -30.55 -17.98 -17.84
N LYS E 374 -31.00 -16.73 -17.83
CA LYS E 374 -32.16 -16.30 -18.63
C LYS E 374 -31.85 -15.82 -20.05
N ARG E 375 -30.81 -15.00 -20.20
CA ARG E 375 -30.41 -14.39 -21.49
C ARG E 375 -31.36 -13.30 -21.98
N VAL E 376 -31.81 -12.43 -21.08
CA VAL E 376 -32.67 -11.30 -21.45
C VAL E 376 -31.92 -9.97 -21.31
#